data_5A7J
#
_entry.id   5A7J
#
_cell.length_a   52.261
_cell.length_b   94.442
_cell.length_c   78.313
_cell.angle_alpha   90.00
_cell.angle_beta   106.32
_cell.angle_gamma   90.00
#
_symmetry.space_group_name_H-M   'P 1 21 1'
#
loop_
_entity.id
_entity.type
_entity.pdbx_description
1 polymer 'TYPE II INOSITOL 1,4,5-TRISPHOSPHATE 5-PHOSPHATASE'
2 non-polymer 'SULFATE ION'
3 non-polymer '(2,4,5-triphosphonooxyphenyl) dihydrogen phosphate'
4 non-polymer GLYCEROL
5 water water
#
_entity_poly.entity_id   1
_entity_poly.type   'polypeptide(L)'
_entity_poly.pdbx_seq_one_letter_code
;MYTYIQNFRFFAGTYNVNGQSPKECLRLWLSNGIQAPDVYCVGFQELDLSKEAFFFHDTPKEEEWFKAVSEGLHPDAKYA
KVKLIRLVGIMLLLYVKQEHAAYISEVEAETVGTGIMGRMGNKGGVAIRFQFHNTSICVVNSHLAAHIEEYERRNQDYKD
ICSRMQFCQPDPSLPPLTISNHDVILWLGDLNYRIEELDVEKVKKLIEEKDFQMLYAYDQLKIQVAAKTVFEGFTEGELT
FQPTYKYDTGSDDWDTSEKCRAPAWCDRILWKGKNITQLSYQSHMALKTSDHKPVSSVFDIGVRVVAHHHHHH
;
_entity_poly.pdbx_strand_id   A,B
#
loop_
_chem_comp.id
_chem_comp.type
_chem_comp.name
_chem_comp.formula
GOL non-polymer GLYCEROL 'C3 H8 O3'
K2Y non-polymer '(2,4,5-triphosphonooxyphenyl) dihydrogen phosphate' 'C6 H10 O16 P4'
SO4 non-polymer 'SULFATE ION' 'O4 S -2'
#
# COMPACT_ATOMS: atom_id res chain seq x y z
N MET A 1 17.03 -6.00 44.26
CA MET A 1 16.06 -5.51 43.30
C MET A 1 15.17 -6.68 42.81
N TYR A 2 14.32 -6.47 41.77
CA TYR A 2 13.49 -7.54 41.22
C TYR A 2 13.36 -7.40 39.69
N THR A 3 12.91 -8.47 39.01
CA THR A 3 12.68 -8.47 37.57
C THR A 3 11.21 -8.61 37.27
N TYR A 4 10.76 -7.89 36.24
CA TYR A 4 9.39 -7.90 35.73
C TYR A 4 9.42 -8.20 34.23
N ILE A 5 8.26 -8.48 33.62
CA ILE A 5 8.18 -8.70 32.17
C ILE A 5 7.56 -7.47 31.49
N GLN A 6 8.26 -6.94 30.48
CA GLN A 6 7.84 -5.81 29.64
C GLN A 6 7.66 -6.25 28.21
N ASN A 7 6.56 -5.83 27.59
CA ASN A 7 6.30 -6.19 26.20
C ASN A 7 7.07 -5.28 25.25
N PHE A 8 7.65 -5.88 24.18
CA PHE A 8 8.41 -5.21 23.14
C PHE A 8 7.89 -5.58 21.76
N ARG A 9 8.01 -4.65 20.79
CA ARG A 9 7.58 -4.87 19.41
C ARG A 9 8.69 -5.50 18.58
N PHE A 10 8.44 -6.71 18.07
CA PHE A 10 9.40 -7.45 17.26
C PHE A 10 8.87 -7.62 15.85
N PHE A 11 9.67 -7.25 14.86
CA PHE A 11 9.29 -7.39 13.47
C PHE A 11 10.00 -8.61 12.91
N ALA A 12 9.29 -9.44 12.15
CA ALA A 12 9.85 -10.62 11.52
C ALA A 12 9.50 -10.63 10.05
N GLY A 13 10.53 -10.59 9.21
CA GLY A 13 10.37 -10.55 7.76
C GLY A 13 11.24 -11.52 7.00
N THR A 14 10.66 -12.08 5.94
CA THR A 14 11.29 -13.01 4.98
C THR A 14 10.94 -12.56 3.55
N TYR A 15 11.92 -12.64 2.63
CA TYR A 15 11.75 -12.24 1.23
C TYR A 15 12.77 -12.97 0.34
N ASN A 16 12.26 -13.83 -0.57
CA ASN A 16 13.11 -14.52 -1.56
C ASN A 16 13.21 -13.57 -2.73
N VAL A 17 14.38 -12.96 -2.88
CA VAL A 17 14.61 -11.91 -3.87
C VAL A 17 15.03 -12.46 -5.26
N ASN A 18 15.26 -13.79 -5.37
CA ASN A 18 15.60 -14.52 -6.60
C ASN A 18 16.75 -13.82 -7.41
N GLY A 19 17.88 -13.63 -6.74
CA GLY A 19 19.11 -13.06 -7.29
C GLY A 19 19.04 -11.67 -7.85
N GLN A 20 17.96 -10.94 -7.56
CA GLN A 20 17.73 -9.59 -8.06
C GLN A 20 18.29 -8.51 -7.14
N SER A 21 18.48 -7.31 -7.72
CA SER A 21 18.92 -6.12 -7.01
C SER A 21 17.67 -5.28 -6.65
N PRO A 22 17.67 -4.51 -5.52
CA PRO A 22 16.45 -3.75 -5.17
C PRO A 22 16.07 -2.71 -6.22
N LYS A 23 14.84 -2.82 -6.77
CA LYS A 23 14.31 -1.90 -7.77
C LYS A 23 13.04 -1.21 -7.25
N GLU A 24 12.72 -1.43 -5.96
CA GLU A 24 11.57 -0.89 -5.25
C GLU A 24 11.93 -0.54 -3.83
N CYS A 25 11.32 0.53 -3.31
CA CYS A 25 11.48 1.01 -1.94
C CYS A 25 10.86 -0.02 -1.01
N LEU A 26 11.63 -0.47 -0.01
CA LEU A 26 11.20 -1.51 0.92
C LEU A 26 10.38 -0.97 2.11
N ARG A 27 9.76 0.22 1.96
CA ARG A 27 8.93 0.75 3.03
C ARG A 27 7.59 0.01 3.09
N LEU A 28 7.04 -0.37 1.92
CA LEU A 28 5.76 -1.11 1.77
C LEU A 28 5.71 -2.40 2.59
N TRP A 29 6.87 -3.10 2.70
CA TRP A 29 7.04 -4.36 3.42
C TRP A 29 7.43 -4.14 4.88
N LEU A 30 8.48 -3.34 5.12
CA LEU A 30 9.10 -3.14 6.43
C LEU A 30 8.39 -2.17 7.39
N SER A 31 7.76 -1.08 6.88
CA SER A 31 7.12 -0.13 7.79
C SER A 31 5.86 0.54 7.21
N ASN A 32 4.94 -0.27 6.64
CA ASN A 32 3.70 0.29 6.10
C ASN A 32 2.51 -0.21 6.92
N GLY A 33 1.85 0.72 7.59
CA GLY A 33 0.68 0.45 8.42
C GLY A 33 1.01 -0.10 9.79
N ILE A 34 2.24 0.14 10.29
CA ILE A 34 2.69 -0.35 11.61
C ILE A 34 3.35 0.76 12.43
N GLN A 35 3.39 0.54 13.76
CA GLN A 35 4.09 1.40 14.70
C GLN A 35 5.57 1.00 14.65
N ALA A 36 6.49 1.96 14.87
CA ALA A 36 7.94 1.71 14.88
C ALA A 36 8.28 0.55 15.82
N PRO A 37 8.77 -0.59 15.28
CA PRO A 37 9.08 -1.74 16.15
C PRO A 37 10.32 -1.48 17.02
N ASP A 38 10.43 -2.21 18.16
CA ASP A 38 11.59 -2.11 19.04
C ASP A 38 12.76 -2.87 18.43
N VAL A 39 12.50 -4.09 17.90
CA VAL A 39 13.52 -4.96 17.28
C VAL A 39 13.08 -5.34 15.85
N TYR A 40 14.04 -5.34 14.90
CA TYR A 40 13.83 -5.70 13.50
C TYR A 40 14.61 -6.96 13.13
N CYS A 41 13.91 -7.99 12.64
CA CYS A 41 14.49 -9.24 12.18
C CYS A 41 14.14 -9.41 10.69
N VAL A 42 15.10 -9.09 9.81
CA VAL A 42 14.91 -9.10 8.35
C VAL A 42 15.75 -10.21 7.70
N GLY A 43 15.06 -11.23 7.19
CA GLY A 43 15.71 -12.35 6.53
C GLY A 43 15.52 -12.37 5.02
N PHE A 44 16.50 -12.93 4.29
CA PHE A 44 16.47 -13.05 2.84
C PHE A 44 16.86 -14.43 2.32
N GLN A 45 16.47 -14.71 1.05
CA GLN A 45 16.81 -15.91 0.28
C GLN A 45 17.18 -15.51 -1.14
N GLU A 46 18.10 -16.27 -1.75
CA GLU A 46 18.60 -16.09 -3.11
C GLU A 46 19.13 -14.66 -3.33
N LEU A 47 19.86 -14.08 -2.32
CA LEU A 47 20.44 -12.73 -2.40
C LEU A 47 21.34 -12.60 -3.64
N ASP A 48 22.18 -13.62 -3.88
CA ASP A 48 23.04 -13.72 -5.07
C ASP A 48 23.00 -15.16 -5.60
N LEU A 49 22.62 -15.34 -6.89
CA LEU A 49 22.55 -16.66 -7.54
C LEU A 49 23.73 -16.91 -8.50
N SER A 50 24.81 -16.12 -8.40
CA SER A 50 25.99 -16.27 -9.26
C SER A 50 26.90 -17.42 -8.82
N LYS A 51 27.70 -17.95 -9.77
CA LYS A 51 28.69 -19.00 -9.54
C LYS A 51 29.71 -18.51 -8.50
N GLU A 52 30.18 -17.26 -8.65
CA GLU A 52 31.14 -16.57 -7.76
C GLU A 52 30.66 -16.58 -6.30
N ALA A 53 29.38 -16.23 -6.06
CA ALA A 53 28.79 -16.22 -4.71
C ALA A 53 28.63 -17.65 -4.18
N PHE A 54 28.32 -18.60 -5.08
CA PHE A 54 28.14 -20.00 -4.74
C PHE A 54 29.45 -20.62 -4.22
N PHE A 55 30.61 -20.13 -4.71
CA PHE A 55 31.93 -20.58 -4.28
C PHE A 55 32.45 -19.74 -3.09
N PHE A 56 31.52 -19.31 -2.21
CA PHE A 56 31.67 -18.57 -0.95
C PHE A 56 32.47 -17.24 -1.08
N HIS A 57 32.37 -16.54 -2.22
CA HIS A 57 33.02 -15.23 -2.38
C HIS A 57 32.08 -14.10 -1.87
N ASP A 58 32.53 -12.84 -1.99
CA ASP A 58 31.77 -11.67 -1.57
C ASP A 58 30.85 -11.21 -2.71
N THR A 59 29.83 -10.37 -2.41
CA THR A 59 28.86 -9.93 -3.42
C THR A 59 28.43 -8.46 -3.21
N PRO A 60 28.20 -7.70 -4.31
CA PRO A 60 27.71 -6.32 -4.16
C PRO A 60 26.26 -6.26 -3.63
N LYS A 61 25.50 -7.37 -3.81
CA LYS A 61 24.11 -7.54 -3.37
C LYS A 61 23.96 -7.43 -1.84
N GLU A 62 24.99 -7.85 -1.06
CA GLU A 62 24.95 -7.78 0.40
C GLU A 62 24.73 -6.33 0.84
N GLU A 63 25.54 -5.38 0.33
CA GLU A 63 25.44 -3.95 0.63
C GLU A 63 24.21 -3.33 0.00
N GLU A 64 23.88 -3.76 -1.23
CA GLU A 64 22.72 -3.29 -1.99
C GLU A 64 21.42 -3.51 -1.22
N TRP A 65 21.22 -4.74 -0.68
CA TRP A 65 20.03 -5.08 0.09
C TRP A 65 20.13 -4.60 1.53
N PHE A 66 21.36 -4.32 2.04
CA PHE A 66 21.54 -3.80 3.40
C PHE A 66 21.13 -2.32 3.47
N LYS A 67 21.49 -1.51 2.44
CA LYS A 67 21.12 -0.09 2.35
C LYS A 67 19.61 0.05 2.11
N ALA A 68 19.04 -0.84 1.29
CA ALA A 68 17.63 -0.84 0.93
C ALA A 68 16.74 -1.15 2.12
N VAL A 69 17.18 -2.04 3.03
CA VAL A 69 16.45 -2.41 4.24
C VAL A 69 16.50 -1.23 5.23
N SER A 70 17.73 -0.71 5.50
CA SER A 70 17.99 0.40 6.42
C SER A 70 17.11 1.61 6.12
N GLU A 71 16.98 1.96 4.83
CA GLU A 71 16.15 3.07 4.36
C GLU A 71 14.65 2.74 4.50
N GLY A 72 14.28 1.49 4.22
CA GLY A 72 12.91 0.99 4.29
C GLY A 72 12.32 0.82 5.68
N LEU A 73 13.16 0.93 6.75
CA LEU A 73 12.74 0.82 8.16
C LEU A 73 11.90 2.02 8.54
N HIS A 74 11.16 1.92 9.67
CA HIS A 74 10.26 2.97 10.19
C HIS A 74 11.01 4.29 10.44
N PRO A 75 10.51 5.40 9.87
CA PRO A 75 11.23 6.68 9.98
C PRO A 75 11.11 7.38 11.34
N ASP A 76 10.13 7.00 12.18
CA ASP A 76 9.91 7.65 13.48
C ASP A 76 10.95 7.29 14.55
N ALA A 77 11.77 6.24 14.32
CA ALA A 77 12.80 5.78 15.25
C ALA A 77 14.15 5.55 14.55
N LYS A 78 15.25 5.83 15.27
CA LYS A 78 16.62 5.61 14.81
C LYS A 78 17.03 4.19 15.15
N TYR A 79 17.44 3.40 14.15
CA TYR A 79 17.82 2.01 14.34
C TYR A 79 19.31 1.80 14.23
N ALA A 80 19.82 0.90 15.10
CA ALA A 80 21.22 0.50 15.14
C ALA A 80 21.37 -0.99 14.80
N LYS A 81 22.23 -1.31 13.82
CA LYS A 81 22.52 -2.67 13.36
C LYS A 81 23.22 -3.44 14.47
N VAL A 82 22.65 -4.58 14.87
CA VAL A 82 23.24 -5.42 15.92
C VAL A 82 24.22 -6.42 15.26
N LYS A 83 23.72 -7.20 14.27
CA LYS A 83 24.50 -8.20 13.55
C LYS A 83 23.97 -8.40 12.10
N LEU A 84 24.82 -8.99 11.26
CA LEU A 84 24.55 -9.37 9.88
C LEU A 84 25.24 -10.71 9.66
N ILE A 85 24.47 -11.70 9.23
CA ILE A 85 25.04 -13.01 8.93
C ILE A 85 24.54 -13.46 7.55
N ARG A 86 25.42 -14.10 6.76
CA ARG A 86 25.07 -14.51 5.40
C ARG A 86 25.83 -15.76 4.98
N LEU A 87 25.09 -16.74 4.45
CA LEU A 87 25.64 -17.96 3.87
C LEU A 87 25.19 -17.99 2.42
N VAL A 88 26.11 -17.63 1.51
CA VAL A 88 25.91 -17.53 0.07
C VAL A 88 24.73 -16.54 -0.20
N GLY A 89 23.55 -17.06 -0.51
CA GLY A 89 22.37 -16.25 -0.78
C GLY A 89 21.42 -16.04 0.39
N ILE A 90 21.65 -16.78 1.47
CA ILE A 90 20.83 -16.71 2.67
C ILE A 90 21.42 -15.65 3.61
N MET A 91 20.65 -14.56 3.89
CA MET A 91 21.06 -13.48 4.79
C MET A 91 20.05 -13.28 5.94
N LEU A 92 20.49 -12.72 7.09
CA LEU A 92 19.65 -12.39 8.24
C LEU A 92 20.19 -11.13 8.95
N LEU A 93 19.33 -10.11 9.06
CA LEU A 93 19.63 -8.79 9.63
C LEU A 93 18.92 -8.53 10.94
N LEU A 94 19.65 -7.97 11.91
CA LEU A 94 19.11 -7.58 13.20
C LEU A 94 19.43 -6.13 13.51
N TYR A 95 18.37 -5.35 13.71
CA TYR A 95 18.37 -3.93 14.10
C TYR A 95 17.58 -3.76 15.41
N VAL A 96 17.98 -2.78 16.24
CA VAL A 96 17.25 -2.41 17.46
C VAL A 96 17.14 -0.90 17.50
N LYS A 97 16.17 -0.35 18.26
CA LYS A 97 16.11 1.09 18.46
C LYS A 97 17.35 1.46 19.25
N GLN A 98 18.04 2.57 18.90
CA GLN A 98 19.26 3.03 19.57
C GLN A 98 19.18 2.86 21.11
N GLU A 99 18.01 3.24 21.70
CA GLU A 99 17.69 3.18 23.13
C GLU A 99 17.72 1.75 23.72
N HIS A 100 17.73 0.70 22.89
CA HIS A 100 17.70 -0.68 23.36
C HIS A 100 19.08 -1.38 23.32
N ALA A 101 20.00 -0.90 22.44
CA ALA A 101 21.36 -1.43 22.19
C ALA A 101 22.22 -1.66 23.47
N ALA A 102 22.05 -0.82 24.51
CA ALA A 102 22.78 -0.94 25.79
C ALA A 102 22.41 -2.23 26.53
N TYR A 103 21.16 -2.71 26.32
CA TYR A 103 20.61 -3.91 26.94
C TYR A 103 20.74 -5.14 26.03
N ILE A 104 21.51 -5.02 24.93
CA ILE A 104 21.80 -6.09 23.97
C ILE A 104 23.19 -6.66 24.32
N SER A 105 23.27 -8.00 24.51
CA SER A 105 24.51 -8.71 24.84
C SER A 105 24.52 -10.16 24.34
N GLU A 106 25.69 -10.83 24.47
CA GLU A 106 25.99 -12.23 24.12
C GLU A 106 25.46 -12.61 22.72
N VAL A 107 25.78 -11.77 21.71
CA VAL A 107 25.37 -11.95 20.32
C VAL A 107 26.24 -13.00 19.65
N GLU A 108 25.62 -14.03 19.07
CA GLU A 108 26.29 -15.10 18.31
C GLU A 108 25.66 -15.26 16.94
N ALA A 109 26.46 -15.59 15.93
CA ALA A 109 25.98 -15.76 14.56
C ALA A 109 26.66 -16.95 13.89
N GLU A 110 25.86 -17.98 13.54
CA GLU A 110 26.33 -19.23 12.93
C GLU A 110 25.56 -19.55 11.63
N THR A 111 26.22 -20.31 10.72
CA THR A 111 25.65 -20.74 9.43
C THR A 111 25.71 -22.26 9.34
N VAL A 112 24.73 -22.88 8.62
CA VAL A 112 24.62 -24.33 8.41
C VAL A 112 24.11 -24.56 6.98
N GLY A 113 24.96 -25.14 6.14
CA GLY A 113 24.62 -25.45 4.76
C GLY A 113 24.10 -26.86 4.65
N THR A 114 22.91 -27.03 4.05
CA THR A 114 22.27 -28.34 3.88
C THR A 114 21.95 -28.62 2.38
N GLY A 115 22.55 -27.84 1.47
CA GLY A 115 22.35 -27.93 0.03
C GLY A 115 23.02 -29.10 -0.65
N ILE A 116 23.69 -28.85 -1.81
CA ILE A 116 24.37 -29.88 -2.60
C ILE A 116 25.28 -30.68 -1.69
N MET A 117 25.04 -31.99 -1.63
CA MET A 117 25.75 -32.99 -0.82
C MET A 117 25.53 -32.76 0.69
N GLY A 118 24.44 -32.08 1.02
CA GLY A 118 24.04 -31.75 2.39
C GLY A 118 25.04 -30.92 3.17
N ARG A 119 25.88 -30.10 2.45
CA ARG A 119 26.92 -29.28 3.06
CA ARG A 119 26.89 -29.27 3.10
C ARG A 119 27.06 -27.90 2.41
N MET A 120 26.65 -27.77 1.16
CA MET A 120 26.80 -26.50 0.45
C MET A 120 25.69 -25.50 0.84
N GLY A 121 26.02 -24.22 0.78
CA GLY A 121 25.14 -23.12 1.19
C GLY A 121 24.05 -22.65 0.23
N ASN A 122 23.80 -23.38 -0.88
CA ASN A 122 22.74 -23.07 -1.85
C ASN A 122 21.36 -23.12 -1.16
N LYS A 123 21.20 -24.09 -0.26
CA LYS A 123 20.05 -24.34 0.61
C LYS A 123 20.62 -24.67 1.98
N GLY A 124 20.06 -24.04 3.02
CA GLY A 124 20.51 -24.25 4.40
C GLY A 124 19.83 -23.30 5.36
N GLY A 125 20.61 -22.76 6.30
CA GLY A 125 20.08 -21.82 7.29
C GLY A 125 21.13 -21.05 8.06
N VAL A 126 20.84 -19.76 8.34
CA VAL A 126 21.66 -18.84 9.14
C VAL A 126 20.86 -18.44 10.41
N ALA A 127 21.55 -18.13 11.53
CA ALA A 127 20.87 -17.76 12.76
C ALA A 127 21.65 -16.76 13.64
N ILE A 128 20.91 -15.81 14.26
CA ILE A 128 21.46 -14.83 15.21
C ILE A 128 20.76 -14.97 16.54
N ARG A 129 21.52 -15.39 17.55
CA ARG A 129 21.02 -15.45 18.90
C ARG A 129 21.66 -14.32 19.68
N PHE A 130 20.94 -13.80 20.68
CA PHE A 130 21.38 -12.71 21.54
C PHE A 130 20.59 -12.69 22.84
N GLN A 131 20.95 -11.78 23.74
CA GLN A 131 20.27 -11.57 25.01
C GLN A 131 19.83 -10.10 25.11
N PHE A 132 18.52 -9.86 25.03
CA PHE A 132 17.94 -8.54 25.23
C PHE A 132 17.49 -8.53 26.69
N HIS A 133 18.12 -7.64 27.51
CA HIS A 133 17.92 -7.50 28.95
C HIS A 133 18.27 -8.84 29.64
N ASN A 134 17.28 -9.58 30.15
CA ASN A 134 17.48 -10.89 30.81
C ASN A 134 16.74 -12.04 30.05
N THR A 135 16.56 -11.91 28.73
CA THR A 135 15.88 -12.93 27.95
C THR A 135 16.74 -13.34 26.74
N SER A 136 16.96 -14.66 26.57
CA SER A 136 17.70 -15.24 25.47
C SER A 136 16.79 -15.37 24.26
N ILE A 137 17.21 -14.81 23.11
CA ILE A 137 16.42 -14.79 21.86
C ILE A 137 17.28 -15.34 20.72
N CYS A 138 16.69 -16.24 19.88
CA CYS A 138 17.35 -16.85 18.70
C CYS A 138 16.44 -16.73 17.47
N VAL A 139 16.95 -16.10 16.40
CA VAL A 139 16.23 -15.84 15.15
C VAL A 139 16.86 -16.70 14.04
N VAL A 140 16.06 -17.53 13.37
CA VAL A 140 16.58 -18.43 12.33
C VAL A 140 15.94 -18.11 10.98
N ASN A 141 16.79 -17.93 9.96
CA ASN A 141 16.39 -17.73 8.58
C ASN A 141 16.88 -18.94 7.80
N SER A 142 15.95 -19.80 7.36
CA SER A 142 16.25 -21.03 6.64
C SER A 142 15.67 -21.04 5.24
N HIS A 143 16.40 -21.68 4.31
CA HIS A 143 16.03 -21.87 2.90
C HIS A 143 16.08 -23.39 2.62
N LEU A 144 14.96 -24.10 2.88
CA LEU A 144 14.86 -25.55 2.72
C LEU A 144 14.68 -25.98 1.25
N ALA A 145 14.98 -27.27 0.95
CA ALA A 145 14.93 -27.94 -0.37
C ALA A 145 13.72 -27.53 -1.22
N ALA A 146 13.92 -27.43 -2.53
CA ALA A 146 12.89 -27.03 -3.48
C ALA A 146 12.10 -28.24 -4.01
N HIS A 147 10.95 -27.97 -4.68
CA HIS A 147 10.04 -28.89 -5.40
C HIS A 147 9.14 -29.71 -4.48
N ILE A 148 7.92 -29.98 -4.99
CA ILE A 148 6.77 -30.64 -4.38
C ILE A 148 7.11 -32.01 -3.71
N GLU A 149 7.64 -32.99 -4.46
CA GLU A 149 7.94 -34.33 -3.92
C GLU A 149 9.13 -34.39 -2.94
N GLU A 150 9.88 -33.28 -2.76
CA GLU A 150 11.05 -33.25 -1.89
C GLU A 150 10.70 -32.82 -0.44
N TYR A 151 9.56 -33.31 0.10
CA TYR A 151 9.11 -32.96 1.46
C TYR A 151 9.95 -33.66 2.55
N GLU A 152 10.43 -34.89 2.27
CA GLU A 152 11.26 -35.67 3.20
C GLU A 152 12.65 -35.02 3.34
N ARG A 153 13.16 -34.42 2.24
CA ARG A 153 14.44 -33.73 2.22
C ARG A 153 14.35 -32.46 3.08
N ARG A 154 13.22 -31.71 2.94
CA ARG A 154 12.92 -30.49 3.70
C ARG A 154 12.86 -30.76 5.21
N ASN A 155 12.29 -31.91 5.61
CA ASN A 155 12.23 -32.34 7.01
C ASN A 155 13.62 -32.58 7.54
N GLN A 156 14.49 -33.21 6.70
CA GLN A 156 15.87 -33.53 7.02
C GLN A 156 16.68 -32.24 7.10
N ASP A 157 16.41 -31.29 6.19
CA ASP A 157 17.07 -29.97 6.15
C ASP A 157 16.79 -29.20 7.45
N TYR A 158 15.59 -29.38 8.04
CA TYR A 158 15.21 -28.77 9.32
C TYR A 158 16.01 -29.42 10.44
N LYS A 159 16.02 -30.79 10.49
CA LYS A 159 16.72 -31.60 11.48
C LYS A 159 18.24 -31.34 11.43
N ASP A 160 18.79 -31.05 10.23
CA ASP A 160 20.20 -30.74 10.02
C ASP A 160 20.56 -29.39 10.64
N ILE A 161 19.81 -28.31 10.30
CA ILE A 161 19.98 -26.95 10.85
C ILE A 161 19.91 -27.03 12.37
N CYS A 162 18.93 -27.79 12.91
CA CYS A 162 18.73 -27.97 14.35
C CYS A 162 19.90 -28.69 15.02
N SER A 163 20.38 -29.80 14.46
CA SER A 163 21.49 -30.54 15.09
C SER A 163 22.87 -29.89 14.89
N ARG A 164 23.15 -29.27 13.73
CA ARG A 164 24.46 -28.68 13.47
C ARG A 164 24.62 -27.25 14.05
N MET A 165 23.53 -26.46 14.13
CA MET A 165 23.55 -25.07 14.61
C MET A 165 23.84 -25.03 16.12
N GLN A 166 25.08 -24.66 16.46
CA GLN A 166 25.59 -24.55 17.82
C GLN A 166 26.26 -23.19 18.03
N PHE A 167 25.87 -22.48 19.12
CA PHE A 167 26.40 -21.16 19.47
C PHE A 167 27.26 -21.24 20.74
N CYS A 168 28.45 -20.61 20.72
CA CYS A 168 29.35 -20.63 21.88
C CYS A 168 28.82 -19.73 22.99
N GLN A 169 28.92 -20.23 24.22
CA GLN A 169 28.46 -19.59 25.45
C GLN A 169 29.67 -19.27 26.38
N PRO A 170 29.50 -18.48 27.49
CA PRO A 170 30.65 -18.18 28.36
C PRO A 170 31.24 -19.41 29.05
N ASP A 171 30.39 -20.31 29.59
CA ASP A 171 30.86 -21.51 30.29
C ASP A 171 31.24 -22.59 29.28
N PRO A 172 32.54 -22.93 29.14
CA PRO A 172 32.92 -23.94 28.14
C PRO A 172 32.57 -25.37 28.57
N SER A 173 32.38 -25.64 29.87
CA SER A 173 32.05 -26.97 30.37
C SER A 173 30.60 -27.39 30.02
N LEU A 174 29.71 -26.40 29.83
CA LEU A 174 28.31 -26.60 29.51
C LEU A 174 28.11 -27.13 28.08
N PRO A 175 27.04 -27.92 27.79
CA PRO A 175 26.84 -28.42 26.41
C PRO A 175 26.59 -27.26 25.44
N PRO A 176 27.03 -27.33 24.17
CA PRO A 176 26.84 -26.18 23.26
C PRO A 176 25.40 -25.71 23.16
N LEU A 177 25.20 -24.37 22.99
CA LEU A 177 23.87 -23.77 22.84
C LEU A 177 23.30 -24.12 21.48
N THR A 178 22.11 -24.72 21.49
CA THR A 178 21.33 -25.07 20.32
C THR A 178 20.08 -24.21 20.31
N ILE A 179 19.52 -23.94 19.12
CA ILE A 179 18.32 -23.12 18.87
C ILE A 179 17.24 -23.33 19.96
N SER A 180 16.97 -24.59 20.34
CA SER A 180 15.99 -25.00 21.34
C SER A 180 16.26 -24.43 22.76
N ASN A 181 17.55 -24.17 23.11
CA ASN A 181 17.94 -23.63 24.43
C ASN A 181 17.84 -22.10 24.47
N HIS A 182 16.66 -21.54 24.06
CA HIS A 182 16.38 -20.09 24.04
C HIS A 182 14.95 -19.75 24.50
N ASP A 183 14.80 -18.65 25.27
CA ASP A 183 13.51 -18.19 25.78
C ASP A 183 12.55 -17.85 24.66
N VAL A 184 13.06 -17.16 23.60
CA VAL A 184 12.28 -16.78 22.41
C VAL A 184 13.00 -17.33 21.16
N ILE A 185 12.26 -18.09 20.33
CA ILE A 185 12.73 -18.63 19.06
C ILE A 185 11.77 -18.16 17.97
N LEU A 186 12.32 -17.43 16.99
CA LEU A 186 11.57 -16.96 15.83
C LEU A 186 12.21 -17.60 14.61
N TRP A 187 11.43 -18.40 13.87
CA TRP A 187 11.92 -19.11 12.69
C TRP A 187 11.19 -18.62 11.43
N LEU A 188 11.94 -18.03 10.49
CA LEU A 188 11.41 -17.48 9.23
C LEU A 188 12.24 -18.01 8.04
N GLY A 189 11.85 -17.60 6.82
CA GLY A 189 12.55 -18.03 5.61
C GLY A 189 11.69 -18.75 4.59
N ASP A 190 12.32 -19.14 3.44
CA ASP A 190 11.65 -19.85 2.34
C ASP A 190 11.72 -21.34 2.66
N LEU A 191 10.70 -21.84 3.37
CA LEU A 191 10.63 -23.23 3.80
C LEU A 191 10.33 -24.16 2.62
N ASN A 192 9.83 -23.61 1.49
CA ASN A 192 9.55 -24.26 0.20
C ASN A 192 8.50 -25.40 0.24
N TYR A 193 7.78 -25.62 1.37
CA TYR A 193 6.74 -26.65 1.45
C TYR A 193 5.56 -26.24 0.55
N ARG A 194 5.22 -27.11 -0.43
CA ARG A 194 4.20 -26.86 -1.44
C ARG A 194 2.81 -27.40 -1.04
N ILE A 195 1.87 -27.50 -2.01
CA ILE A 195 0.50 -27.98 -1.81
C ILE A 195 0.37 -29.35 -2.48
N GLU A 196 0.04 -30.39 -1.71
CA GLU A 196 -0.05 -31.74 -2.26
C GLU A 196 -1.49 -32.10 -2.69
N GLU A 197 -1.60 -33.21 -3.45
CA GLU A 197 -2.80 -33.82 -4.02
C GLU A 197 -3.41 -32.97 -5.14
N LEU A 198 -3.95 -31.78 -4.82
CA LEU A 198 -4.65 -30.86 -5.72
C LEU A 198 -3.89 -30.57 -7.03
N ASP A 199 -4.65 -30.42 -8.14
CA ASP A 199 -4.16 -30.09 -9.48
C ASP A 199 -3.94 -28.58 -9.57
N VAL A 200 -2.94 -28.14 -10.37
CA VAL A 200 -2.54 -26.72 -10.57
C VAL A 200 -3.77 -25.81 -10.80
N GLU A 201 -4.80 -26.30 -11.53
CA GLU A 201 -6.03 -25.56 -11.80
C GLU A 201 -6.89 -25.44 -10.54
N LYS A 202 -7.00 -26.53 -9.73
CA LYS A 202 -7.78 -26.56 -8.47
C LYS A 202 -7.17 -25.62 -7.42
N VAL A 203 -5.83 -25.50 -7.39
CA VAL A 203 -5.08 -24.62 -6.48
C VAL A 203 -5.35 -23.16 -6.86
N LYS A 204 -5.26 -22.83 -8.17
CA LYS A 204 -5.51 -21.49 -8.71
C LYS A 204 -6.98 -21.07 -8.54
N LYS A 205 -7.94 -22.00 -8.72
CA LYS A 205 -9.38 -21.74 -8.55
C LYS A 205 -9.72 -21.40 -7.09
N LEU A 206 -9.09 -22.11 -6.12
CA LEU A 206 -9.29 -21.89 -4.68
C LEU A 206 -8.83 -20.51 -4.24
N ILE A 207 -7.72 -19.99 -4.83
CA ILE A 207 -7.16 -18.65 -4.55
C ILE A 207 -8.13 -17.59 -5.10
N GLU A 208 -8.74 -17.84 -6.28
CA GLU A 208 -9.72 -16.94 -6.91
C GLU A 208 -10.97 -16.86 -6.04
N GLU A 209 -11.38 -18.02 -5.47
CA GLU A 209 -12.53 -18.15 -4.57
C GLU A 209 -12.19 -17.63 -3.16
N LYS A 210 -10.89 -17.34 -2.89
CA LYS A 210 -10.29 -16.84 -1.64
C LYS A 210 -10.63 -17.79 -0.46
N ASP A 211 -10.61 -19.11 -0.74
CA ASP A 211 -10.89 -20.18 0.21
C ASP A 211 -9.56 -20.76 0.70
N PHE A 212 -8.82 -19.98 1.52
CA PHE A 212 -7.51 -20.34 2.05
C PHE A 212 -7.59 -21.41 3.13
N GLN A 213 -8.79 -21.64 3.70
CA GLN A 213 -9.05 -22.67 4.71
C GLN A 213 -8.97 -24.07 4.09
N MET A 214 -9.57 -24.23 2.88
CA MET A 214 -9.59 -25.48 2.10
C MET A 214 -8.22 -25.75 1.47
N LEU A 215 -7.52 -24.69 1.02
CA LEU A 215 -6.20 -24.80 0.40
C LEU A 215 -5.15 -25.21 1.42
N TYR A 216 -5.26 -24.71 2.67
CA TYR A 216 -4.34 -25.00 3.79
C TYR A 216 -4.42 -26.46 4.25
N ALA A 217 -5.59 -27.13 4.09
CA ALA A 217 -5.82 -28.52 4.47
C ALA A 217 -4.87 -29.49 3.76
N TYR A 218 -4.29 -29.05 2.63
CA TYR A 218 -3.36 -29.79 1.78
C TYR A 218 -1.92 -29.21 1.83
N ASP A 219 -1.65 -28.26 2.75
CA ASP A 219 -0.33 -27.64 2.91
C ASP A 219 0.64 -28.64 3.55
N GLN A 220 1.73 -28.95 2.82
CA GLN A 220 2.74 -29.94 3.21
C GLN A 220 3.31 -29.69 4.61
N LEU A 221 3.58 -28.42 4.99
CA LEU A 221 4.11 -28.08 6.32
C LEU A 221 3.10 -28.50 7.41
N LYS A 222 1.81 -28.08 7.29
CA LYS A 222 0.71 -28.41 8.19
C LYS A 222 0.59 -29.94 8.40
N ILE A 223 0.75 -30.72 7.32
CA ILE A 223 0.67 -32.18 7.33
C ILE A 223 1.89 -32.75 8.09
N GLN A 224 3.11 -32.26 7.76
CA GLN A 224 4.36 -32.72 8.36
C GLN A 224 4.48 -32.31 9.84
N VAL A 225 4.03 -31.10 10.20
CA VAL A 225 4.05 -30.60 11.57
C VAL A 225 3.08 -31.45 12.43
N ALA A 226 1.93 -31.86 11.84
CA ALA A 226 0.94 -32.73 12.50
C ALA A 226 1.52 -34.12 12.76
N ALA A 227 2.32 -34.63 11.79
CA ALA A 227 3.00 -35.93 11.87
C ALA A 227 4.16 -35.90 12.89
N LYS A 228 4.47 -34.69 13.43
CA LYS A 228 5.52 -34.40 14.42
C LYS A 228 6.92 -34.72 13.84
N THR A 229 7.11 -34.42 12.53
CA THR A 229 8.36 -34.63 11.80
C THR A 229 9.19 -33.32 11.70
N VAL A 230 8.52 -32.15 11.77
CA VAL A 230 9.13 -30.81 11.73
C VAL A 230 8.42 -29.85 12.68
N PHE A 231 9.16 -28.79 13.10
CA PHE A 231 8.74 -27.68 13.94
C PHE A 231 7.86 -28.14 15.12
N GLU A 232 8.34 -29.18 15.84
CA GLU A 232 7.65 -29.73 17.01
C GLU A 232 7.67 -28.67 18.10
N GLY A 233 6.49 -28.32 18.60
CA GLY A 233 6.35 -27.30 19.64
C GLY A 233 6.23 -25.89 19.13
N PHE A 234 6.39 -25.69 17.81
CA PHE A 234 6.29 -24.39 17.15
C PHE A 234 4.84 -24.08 16.75
N THR A 235 4.49 -22.78 16.75
CA THR A 235 3.16 -22.29 16.40
C THR A 235 3.26 -21.40 15.15
N GLU A 236 2.20 -21.38 14.33
CA GLU A 236 2.11 -20.57 13.12
C GLU A 236 0.72 -19.91 13.05
N GLY A 237 0.70 -18.63 12.67
CA GLY A 237 -0.52 -17.87 12.53
C GLY A 237 -1.36 -18.30 11.33
N GLU A 238 -2.67 -17.98 11.36
CA GLU A 238 -3.60 -18.32 10.28
C GLU A 238 -3.21 -17.58 8.99
N LEU A 239 -3.07 -18.33 7.89
CA LEU A 239 -2.73 -17.79 6.57
C LEU A 239 -3.96 -17.13 5.95
N THR A 240 -4.03 -15.80 6.06
CA THR A 240 -5.13 -14.99 5.56
C THR A 240 -4.79 -14.42 4.16
N PHE A 241 -3.52 -14.56 3.74
CA PHE A 241 -3.01 -14.07 2.46
C PHE A 241 -2.82 -15.21 1.46
N GLN A 242 -2.85 -14.89 0.16
CA GLN A 242 -2.68 -15.87 -0.92
C GLN A 242 -1.21 -16.33 -1.05
N PRO A 243 -0.95 -17.56 -1.54
CA PRO A 243 0.45 -18.03 -1.71
C PRO A 243 1.37 -17.01 -2.39
N THR A 244 2.61 -16.89 -1.90
CA THR A 244 3.64 -15.94 -2.38
C THR A 244 4.53 -16.51 -3.53
N TYR A 245 4.24 -17.74 -3.99
CA TYR A 245 4.94 -18.43 -5.07
C TYR A 245 3.90 -18.87 -6.10
N LYS A 246 4.14 -18.78 -7.44
CA LYS A 246 5.27 -18.22 -8.17
C LYS A 246 4.74 -17.18 -9.14
N TYR A 247 5.32 -15.97 -9.13
CA TYR A 247 4.87 -14.87 -9.97
C TYR A 247 5.86 -14.54 -11.08
N ASP A 248 5.42 -13.73 -12.06
CA ASP A 248 6.30 -13.25 -13.11
C ASP A 248 6.90 -11.97 -12.59
N THR A 249 8.24 -11.84 -12.64
CA THR A 249 8.99 -10.67 -12.18
C THR A 249 8.38 -9.43 -12.83
N GLY A 250 7.94 -8.49 -12.00
CA GLY A 250 7.29 -7.28 -12.48
C GLY A 250 5.77 -7.33 -12.54
N SER A 251 5.15 -8.45 -12.08
CA SER A 251 3.69 -8.59 -12.07
C SER A 251 3.19 -9.47 -10.90
N ASP A 252 1.84 -9.52 -10.75
CA ASP A 252 1.10 -10.32 -9.77
C ASP A 252 0.39 -11.51 -10.46
N ASP A 253 0.71 -11.74 -11.76
CA ASP A 253 0.20 -12.85 -12.55
C ASP A 253 1.02 -14.10 -12.22
N TRP A 254 0.35 -15.26 -12.06
CA TRP A 254 1.03 -16.53 -11.75
C TRP A 254 1.96 -16.93 -12.88
N ASP A 255 3.03 -17.70 -12.57
CA ASP A 255 4.06 -18.14 -13.52
C ASP A 255 3.47 -18.55 -14.88
N THR A 256 3.77 -17.73 -15.89
CA THR A 256 3.36 -17.95 -17.28
C THR A 256 4.60 -18.38 -18.07
N SER A 257 5.12 -19.57 -17.73
CA SER A 257 6.29 -20.16 -18.39
C SER A 257 5.97 -21.59 -18.83
N GLU A 258 6.97 -22.27 -19.45
CA GLU A 258 6.84 -23.67 -19.89
C GLU A 258 6.62 -24.59 -18.67
N LYS A 259 7.21 -24.20 -17.51
CA LYS A 259 7.11 -24.89 -16.23
C LYS A 259 5.69 -24.80 -15.65
N CYS A 260 5.08 -23.58 -15.74
CA CYS A 260 3.74 -23.25 -15.23
C CYS A 260 3.57 -23.80 -13.80
N ARG A 261 4.46 -23.34 -12.90
CA ARG A 261 4.56 -23.75 -11.49
C ARG A 261 3.33 -23.37 -10.68
N ALA A 262 2.71 -24.40 -10.06
CA ALA A 262 1.51 -24.27 -9.20
C ALA A 262 1.79 -23.47 -7.92
N PRO A 263 0.86 -22.56 -7.54
CA PRO A 263 1.05 -21.76 -6.30
C PRO A 263 1.29 -22.59 -5.03
N ALA A 264 2.02 -21.99 -4.07
CA ALA A 264 2.35 -22.61 -2.78
C ALA A 264 2.78 -21.56 -1.72
N TRP A 265 2.52 -21.86 -0.43
CA TRP A 265 2.94 -21.00 0.66
C TRP A 265 4.39 -21.37 1.02
N CYS A 266 5.34 -20.83 0.25
CA CYS A 266 6.75 -21.16 0.42
C CYS A 266 7.39 -20.39 1.59
N ASP A 267 7.04 -19.10 1.76
CA ASP A 267 7.61 -18.24 2.81
C ASP A 267 6.70 -18.19 4.06
N ARG A 268 7.22 -18.71 5.19
CA ARG A 268 6.47 -18.81 6.44
C ARG A 268 7.24 -18.24 7.64
N ILE A 269 6.50 -17.87 8.71
CA ILE A 269 7.02 -17.37 9.98
C ILE A 269 6.37 -18.22 11.10
N LEU A 270 7.21 -18.86 11.94
CA LEU A 270 6.81 -19.75 13.04
C LEU A 270 7.59 -19.42 14.30
N TRP A 271 6.93 -19.47 15.47
CA TRP A 271 7.57 -19.13 16.74
C TRP A 271 7.44 -20.21 17.79
N LYS A 272 8.35 -20.18 18.78
CA LYS A 272 8.37 -21.06 19.94
C LYS A 272 8.95 -20.27 21.11
N GLY A 273 8.24 -20.35 22.23
CA GLY A 273 8.62 -19.67 23.47
C GLY A 273 7.44 -19.10 24.24
N LYS A 274 7.70 -18.69 25.50
CA LYS A 274 6.70 -18.09 26.39
C LYS A 274 6.63 -16.59 26.19
N ASN A 275 5.43 -16.01 26.39
CA ASN A 275 5.10 -14.57 26.32
C ASN A 275 5.18 -14.00 24.88
N ILE A 276 4.80 -14.81 23.87
CA ILE A 276 4.77 -14.36 22.47
C ILE A 276 3.32 -14.21 22.05
N THR A 277 2.95 -13.03 21.53
CA THR A 277 1.61 -12.73 21.03
C THR A 277 1.75 -12.13 19.63
N GLN A 278 1.29 -12.86 18.59
CA GLN A 278 1.37 -12.41 17.19
C GLN A 278 0.24 -11.43 16.90
N LEU A 279 0.59 -10.21 16.47
CA LEU A 279 -0.36 -9.14 16.17
C LEU A 279 -0.77 -9.13 14.70
N SER A 280 0.11 -9.64 13.81
CA SER A 280 -0.16 -9.65 12.38
C SER A 280 0.61 -10.74 11.63
N TYR A 281 0.06 -11.15 10.47
CA TYR A 281 0.63 -12.12 9.54
C TYR A 281 0.11 -11.79 8.13
N GLN A 282 0.89 -10.97 7.41
CA GLN A 282 0.55 -10.46 6.08
C GLN A 282 1.58 -10.84 5.02
N SER A 283 1.23 -10.59 3.73
CA SER A 283 2.03 -10.73 2.50
C SER A 283 2.03 -9.36 1.82
N HIS A 284 3.05 -9.07 0.99
CA HIS A 284 3.13 -7.75 0.37
C HIS A 284 3.16 -7.84 -1.17
N MET A 285 1.95 -7.85 -1.76
CA MET A 285 1.67 -7.95 -3.20
C MET A 285 2.21 -6.77 -4.02
N ALA A 286 2.47 -5.62 -3.35
CA ALA A 286 2.96 -4.38 -3.97
C ALA A 286 4.38 -4.52 -4.54
N LEU A 287 5.21 -5.42 -3.97
CA LEU A 287 6.60 -5.61 -4.40
C LEU A 287 6.74 -6.74 -5.44
N LYS A 288 7.02 -6.35 -6.70
CA LYS A 288 7.10 -7.22 -7.87
C LYS A 288 8.54 -7.46 -8.41
N THR A 289 9.60 -7.09 -7.64
CA THR A 289 11.03 -7.23 -8.00
C THR A 289 11.42 -8.72 -8.19
N SER A 290 10.73 -9.65 -7.51
CA SER A 290 11.01 -11.08 -7.56
C SER A 290 9.77 -11.91 -7.96
N ASP A 291 9.96 -13.24 -8.11
CA ASP A 291 8.90 -14.21 -8.41
C ASP A 291 8.20 -14.63 -7.13
N HIS A 292 8.74 -14.16 -5.98
CA HIS A 292 8.22 -14.37 -4.62
C HIS A 292 7.69 -13.05 -4.05
N LYS A 293 6.82 -13.11 -3.03
CA LYS A 293 6.29 -11.91 -2.36
C LYS A 293 6.84 -11.84 -0.94
N PRO A 294 7.19 -10.64 -0.42
CA PRO A 294 7.71 -10.57 0.96
C PRO A 294 6.61 -10.80 2.01
N VAL A 295 6.94 -11.59 3.06
CA VAL A 295 6.01 -11.90 4.14
C VAL A 295 6.50 -11.21 5.40
N SER A 296 5.58 -10.59 6.17
CA SER A 296 5.88 -9.90 7.43
C SER A 296 5.04 -10.44 8.58
N SER A 297 5.49 -10.16 9.81
CA SER A 297 4.84 -10.52 11.06
C SER A 297 5.34 -9.64 12.16
N VAL A 298 4.40 -9.04 12.93
CA VAL A 298 4.71 -8.18 14.07
C VAL A 298 4.18 -8.86 15.34
N PHE A 299 5.07 -9.05 16.34
CA PHE A 299 4.79 -9.70 17.61
C PHE A 299 4.85 -8.76 18.80
N ASP A 300 4.26 -9.18 19.92
CA ASP A 300 4.30 -8.53 21.21
C ASP A 300 4.94 -9.54 22.13
N ILE A 301 6.26 -9.44 22.27
CA ILE A 301 7.06 -10.39 23.04
C ILE A 301 7.41 -9.80 24.43
N GLY A 302 7.34 -10.67 25.45
CA GLY A 302 7.65 -10.33 26.84
C GLY A 302 9.12 -10.56 27.12
N VAL A 303 9.77 -9.55 27.72
CA VAL A 303 11.22 -9.57 28.03
C VAL A 303 11.41 -9.27 29.53
N ARG A 304 12.30 -10.03 30.21
CA ARG A 304 12.59 -9.83 31.63
C ARG A 304 13.50 -8.60 31.80
N VAL A 305 12.97 -7.53 32.40
CA VAL A 305 13.67 -6.27 32.66
C VAL A 305 13.95 -6.16 34.16
N VAL A 306 15.18 -5.77 34.54
CA VAL A 306 15.60 -5.61 35.94
C VAL A 306 15.15 -4.25 36.45
N ALA A 307 14.50 -4.22 37.64
CA ALA A 307 13.98 -3.00 38.27
C ALA A 307 14.88 -2.57 39.44
N HIS A 308 15.76 -1.58 39.21
CA HIS A 308 16.70 -1.05 40.19
C HIS A 308 16.09 0.10 41.00
N HIS A 309 16.83 0.64 41.99
CA HIS A 309 16.38 1.78 42.77
C HIS A 309 17.57 2.63 43.23
N MET B 1 6.16 26.50 -39.24
CA MET B 1 6.31 25.27 -38.46
C MET B 1 4.96 24.49 -38.46
N TYR B 2 4.84 23.41 -37.66
CA TYR B 2 3.59 22.65 -37.55
C TYR B 2 3.35 22.18 -36.11
N THR B 3 2.10 21.77 -35.80
CA THR B 3 1.73 21.24 -34.49
C THR B 3 1.39 19.77 -34.60
N TYR B 4 1.78 19.02 -33.58
CA TYR B 4 1.50 17.59 -33.44
C TYR B 4 0.86 17.35 -32.07
N ILE B 5 0.27 16.16 -31.86
CA ILE B 5 -0.31 15.84 -30.56
C ILE B 5 0.69 14.97 -29.78
N GLN B 6 0.88 15.26 -28.49
CA GLN B 6 1.79 14.54 -27.59
C GLN B 6 1.06 14.10 -26.35
N ASN B 7 1.27 12.86 -25.92
CA ASN B 7 0.60 12.36 -24.73
C ASN B 7 1.34 12.78 -23.48
N PHE B 8 0.56 13.18 -22.44
CA PHE B 8 1.05 13.61 -21.14
C PHE B 8 0.32 12.87 -20.02
N ARG B 9 1.00 12.65 -18.89
CA ARG B 9 0.43 11.97 -17.71
C ARG B 9 -0.27 12.97 -16.81
N PHE B 10 -1.57 12.79 -16.63
CA PHE B 10 -2.39 13.64 -15.77
C PHE B 10 -2.92 12.85 -14.60
N PHE B 11 -2.73 13.36 -13.39
CA PHE B 11 -3.24 12.74 -12.17
C PHE B 11 -4.48 13.49 -11.71
N ALA B 12 -5.59 12.77 -11.48
CA ALA B 12 -6.83 13.35 -10.96
C ALA B 12 -7.16 12.69 -9.62
N GLY B 13 -7.37 13.51 -8.59
CA GLY B 13 -7.65 13.04 -7.24
C GLY B 13 -8.66 13.85 -6.46
N THR B 14 -9.51 13.15 -5.68
CA THR B 14 -10.53 13.72 -4.80
C THR B 14 -10.48 13.03 -3.42
N TYR B 15 -10.64 13.80 -2.34
CA TYR B 15 -10.58 13.32 -0.96
C TYR B 15 -11.41 14.22 -0.03
N ASN B 16 -12.50 13.68 0.54
CA ASN B 16 -13.33 14.39 1.54
C ASN B 16 -12.72 14.11 2.90
N VAL B 17 -11.92 15.05 3.40
CA VAL B 17 -11.15 14.91 4.64
C VAL B 17 -11.99 15.15 5.93
N ASN B 18 -13.28 15.54 5.79
CA ASN B 18 -14.24 15.73 6.88
C ASN B 18 -13.65 16.57 8.07
N GLY B 19 -13.19 17.78 7.72
CA GLY B 19 -12.66 18.78 8.65
C GLY B 19 -11.44 18.40 9.46
N GLN B 20 -10.78 17.30 9.07
CA GLN B 20 -9.61 16.78 9.77
C GLN B 20 -8.29 17.38 9.26
N SER B 21 -7.24 17.27 10.09
CA SER B 21 -5.88 17.66 9.78
C SER B 21 -5.10 16.41 9.32
N PRO B 22 -4.08 16.53 8.42
CA PRO B 22 -3.38 15.32 7.94
C PRO B 22 -2.66 14.58 9.07
N LYS B 23 -2.99 13.30 9.27
CA LYS B 23 -2.39 12.45 10.30
C LYS B 23 -1.71 11.22 9.65
N GLU B 24 -1.66 11.21 8.31
CA GLU B 24 -1.08 10.16 7.48
C GLU B 24 -0.37 10.75 6.28
N CYS B 25 0.73 10.11 5.87
CA CYS B 25 1.53 10.47 4.70
C CYS B 25 0.69 10.24 3.46
N LEU B 26 0.56 11.26 2.60
CA LEU B 26 -0.28 11.19 1.42
C LEU B 26 0.44 10.56 0.20
N ARG B 27 1.51 9.78 0.43
CA ARG B 27 2.21 9.08 -0.65
C ARG B 27 1.37 7.92 -1.18
N LEU B 28 0.65 7.20 -0.28
CA LEU B 28 -0.22 6.05 -0.58
C LEU B 28 -1.28 6.35 -1.65
N TRP B 29 -1.83 7.58 -1.64
CA TRP B 29 -2.87 8.08 -2.53
C TRP B 29 -2.29 8.73 -3.78
N LEU B 30 -1.35 9.69 -3.60
CA LEU B 30 -0.79 10.53 -4.65
C LEU B 30 0.31 9.90 -5.52
N SER B 31 1.18 9.03 -4.97
CA SER B 31 2.26 8.46 -5.78
C SER B 31 2.65 7.03 -5.39
N ASN B 32 1.66 6.14 -5.21
CA ASN B 32 1.95 4.74 -4.89
C ASN B 32 1.54 3.83 -6.04
N GLY B 33 2.55 3.20 -6.64
CA GLY B 33 2.38 2.28 -7.76
C GLY B 33 2.18 2.95 -9.11
N ILE B 34 2.64 4.22 -9.23
CA ILE B 34 2.51 4.99 -10.48
C ILE B 34 3.84 5.64 -10.90
N GLN B 35 3.94 5.98 -12.19
CA GLN B 35 5.05 6.74 -12.75
C GLN B 35 4.79 8.21 -12.45
N ALA B 36 5.85 9.01 -12.24
CA ALA B 36 5.76 10.45 -11.96
C ALA B 36 4.90 11.13 -13.01
N PRO B 37 3.71 11.66 -12.62
CA PRO B 37 2.83 12.31 -13.61
C PRO B 37 3.39 13.63 -14.10
N ASP B 38 2.97 14.09 -15.30
CA ASP B 38 3.37 15.38 -15.85
C ASP B 38 2.61 16.50 -15.15
N VAL B 39 1.28 16.32 -14.95
CA VAL B 39 0.39 17.30 -14.31
C VAL B 39 -0.37 16.63 -13.14
N TYR B 40 -0.50 17.36 -12.01
CA TYR B 40 -1.19 16.92 -10.80
C TYR B 40 -2.44 17.77 -10.53
N CYS B 41 -3.60 17.12 -10.43
CA CYS B 41 -4.88 17.77 -10.12
C CYS B 41 -5.42 17.15 -8.82
N VAL B 42 -5.23 17.85 -7.69
CA VAL B 42 -5.60 17.37 -6.35
C VAL B 42 -6.75 18.20 -5.77
N GLY B 43 -7.92 17.56 -5.65
CA GLY B 43 -9.12 18.20 -5.12
C GLY B 43 -9.50 17.72 -3.72
N PHE B 44 -10.11 18.62 -2.92
CA PHE B 44 -10.56 18.31 -1.57
C PHE B 44 -11.97 18.78 -1.28
N GLN B 45 -12.58 18.19 -0.22
CA GLN B 45 -13.89 18.53 0.35
C GLN B 45 -13.79 18.53 1.87
N GLU B 46 -14.58 19.40 2.50
CA GLU B 46 -14.67 19.58 3.94
C GLU B 46 -13.29 19.84 4.56
N LEU B 47 -12.42 20.68 3.89
CA LEU B 47 -11.08 21.03 4.39
C LEU B 47 -11.15 21.62 5.80
N ASP B 48 -12.13 22.53 6.02
CA ASP B 48 -12.41 23.12 7.33
C ASP B 48 -13.94 23.19 7.53
N LEU B 49 -14.46 22.58 8.62
CA LEU B 49 -15.89 22.57 8.94
C LEU B 49 -16.27 23.55 10.06
N SER B 50 -15.36 24.50 10.40
CA SER B 50 -15.59 25.48 11.47
C SER B 50 -16.52 26.62 11.02
N LYS B 51 -17.20 27.27 12.00
CA LYS B 51 -18.08 28.43 11.77
C LYS B 51 -17.27 29.55 11.11
N GLU B 52 -16.04 29.79 11.63
CA GLU B 52 -15.09 30.82 11.16
C GLU B 52 -14.78 30.64 9.65
N ALA B 53 -14.50 29.41 9.20
CA ALA B 53 -14.22 29.12 7.79
C ALA B 53 -15.50 29.28 6.95
N PHE B 54 -16.66 28.92 7.54
CA PHE B 54 -17.96 29.03 6.89
C PHE B 54 -18.31 30.49 6.56
N PHE B 55 -17.83 31.44 7.38
CA PHE B 55 -18.05 32.88 7.21
C PHE B 55 -16.90 33.50 6.37
N PHE B 56 -16.38 32.71 5.41
CA PHE B 56 -15.36 33.01 4.39
C PHE B 56 -14.01 33.56 4.97
N HIS B 57 -13.62 33.14 6.18
CA HIS B 57 -12.33 33.55 6.75
C HIS B 57 -11.20 32.59 6.29
N ASP B 58 -9.96 32.83 6.76
CA ASP B 58 -8.81 32.00 6.43
C ASP B 58 -8.71 30.81 7.40
N THR B 59 -7.94 29.77 7.05
CA THR B 59 -7.83 28.57 7.87
C THR B 59 -6.40 27.97 7.88
N PRO B 60 -5.92 27.44 9.02
CA PRO B 60 -4.60 26.80 9.04
C PRO B 60 -4.56 25.49 8.23
N LYS B 61 -5.75 24.88 8.00
CA LYS B 61 -5.94 23.64 7.23
C LYS B 61 -5.49 23.79 5.76
N GLU B 62 -5.64 25.01 5.18
CA GLU B 62 -5.23 25.27 3.80
C GLU B 62 -3.75 24.94 3.61
N GLU B 63 -2.85 25.51 4.41
CA GLU B 63 -1.43 25.23 4.31
C GLU B 63 -1.11 23.82 4.82
N GLU B 64 -1.80 23.34 5.90
CA GLU B 64 -1.63 21.99 6.47
C GLU B 64 -1.79 20.91 5.39
N TRP B 65 -2.86 21.00 4.58
CA TRP B 65 -3.14 20.06 3.51
C TRP B 65 -2.34 20.40 2.26
N PHE B 66 -1.83 21.64 2.12
CA PHE B 66 -1.00 22.03 0.98
C PHE B 66 0.41 21.45 1.12
N LYS B 67 0.98 21.51 2.34
CA LYS B 67 2.32 20.95 2.59
C LYS B 67 2.25 19.43 2.65
N ALA B 68 1.09 18.86 2.95
CA ALA B 68 0.90 17.40 3.02
C ALA B 68 0.86 16.79 1.63
N VAL B 69 0.20 17.48 0.67
CA VAL B 69 0.07 17.07 -0.73
C VAL B 69 1.45 17.17 -1.41
N SER B 70 2.12 18.34 -1.27
CA SER B 70 3.44 18.64 -1.84
C SER B 70 4.46 17.55 -1.50
N GLU B 71 4.47 17.10 -0.23
CA GLU B 71 5.36 16.04 0.25
C GLU B 71 4.96 14.66 -0.32
N GLY B 72 3.64 14.42 -0.39
CA GLY B 72 3.06 13.18 -0.88
C GLY B 72 3.17 12.93 -2.38
N LEU B 73 3.60 13.95 -3.17
CA LEU B 73 3.78 13.84 -4.63
C LEU B 73 4.96 12.93 -4.95
N HIS B 74 5.06 12.47 -6.21
CA HIS B 74 6.10 11.56 -6.71
C HIS B 74 7.51 12.14 -6.49
N PRO B 75 8.42 11.37 -5.85
CA PRO B 75 9.75 11.90 -5.53
C PRO B 75 10.73 11.97 -6.71
N ASP B 76 10.46 11.26 -7.81
CA ASP B 76 11.37 11.22 -8.97
C ASP B 76 11.36 12.52 -9.81
N ALA B 77 10.38 13.40 -9.60
CA ALA B 77 10.24 14.66 -10.33
C ALA B 77 9.97 15.85 -9.41
N LYS B 78 10.50 17.03 -9.77
CA LYS B 78 10.31 18.29 -9.05
C LYS B 78 9.05 18.96 -9.58
N TYR B 79 8.10 19.26 -8.68
CA TYR B 79 6.82 19.87 -9.08
C TYR B 79 6.73 21.31 -8.67
N ALA B 80 6.11 22.12 -9.56
CA ALA B 80 5.86 23.54 -9.35
C ALA B 80 4.36 23.80 -9.30
N LYS B 81 3.89 24.50 -8.23
CA LYS B 81 2.50 24.87 -8.02
C LYS B 81 2.07 25.88 -9.08
N VAL B 82 1.00 25.57 -9.83
CA VAL B 82 0.49 26.49 -10.86
C VAL B 82 -0.54 27.44 -10.21
N LYS B 83 -1.57 26.86 -9.55
CA LYS B 83 -2.65 27.60 -8.89
C LYS B 83 -3.23 26.81 -7.69
N LEU B 84 -3.91 27.55 -6.81
CA LEU B 84 -4.63 27.05 -5.65
C LEU B 84 -5.91 27.85 -5.55
N ILE B 85 -7.05 27.17 -5.53
CA ILE B 85 -8.34 27.84 -5.39
C ILE B 85 -9.12 27.14 -4.29
N ARG B 86 -9.85 27.91 -3.47
CA ARG B 86 -10.59 27.37 -2.35
C ARG B 86 -11.83 28.19 -2.02
N LEU B 87 -12.97 27.50 -1.90
CA LEU B 87 -14.23 28.09 -1.46
C LEU B 87 -14.64 27.35 -0.20
N VAL B 88 -14.41 28.00 0.96
CA VAL B 88 -14.67 27.49 2.31
C VAL B 88 -13.88 26.17 2.47
N GLY B 89 -14.56 25.03 2.39
CA GLY B 89 -13.94 23.72 2.56
C GLY B 89 -13.56 23.02 1.26
N ILE B 90 -14.04 23.51 0.11
CA ILE B 90 -13.75 22.94 -1.23
C ILE B 90 -12.45 23.59 -1.73
N MET B 91 -11.40 22.77 -1.93
CA MET B 91 -10.10 23.22 -2.46
C MET B 91 -9.73 22.44 -3.74
N LEU B 92 -8.88 23.03 -4.62
CA LEU B 92 -8.38 22.40 -5.85
C LEU B 92 -6.94 22.89 -6.13
N LEU B 93 -6.00 21.94 -6.22
CA LEU B 93 -4.57 22.16 -6.42
C LEU B 93 -4.08 21.70 -7.78
N LEU B 94 -3.24 22.54 -8.41
CA LEU B 94 -2.61 22.23 -9.69
C LEU B 94 -1.10 22.40 -9.60
N TYR B 95 -0.39 21.29 -9.89
CA TYR B 95 1.06 21.19 -9.95
C TYR B 95 1.47 20.67 -11.35
N VAL B 96 2.65 21.08 -11.83
CA VAL B 96 3.22 20.58 -13.09
C VAL B 96 4.70 20.28 -12.83
N LYS B 97 5.31 19.42 -13.67
CA LYS B 97 6.76 19.18 -13.58
C LYS B 97 7.41 20.51 -13.96
N GLN B 98 8.47 20.94 -13.23
CA GLN B 98 9.18 22.20 -13.48
C GLN B 98 9.37 22.46 -15.00
N GLU B 99 9.76 21.40 -15.75
CA GLU B 99 10.01 21.39 -17.20
C GLU B 99 8.77 21.75 -18.06
N HIS B 100 7.56 21.72 -17.48
CA HIS B 100 6.33 22.01 -18.22
C HIS B 100 5.78 23.43 -18.00
N ALA B 101 6.12 24.07 -16.85
CA ALA B 101 5.67 25.41 -16.41
C ALA B 101 5.82 26.53 -17.46
N ALA B 102 6.87 26.47 -18.32
CA ALA B 102 7.11 27.46 -19.37
C ALA B 102 6.01 27.44 -20.44
N TYR B 103 5.37 26.26 -20.62
CA TYR B 103 4.32 26.02 -21.60
C TYR B 103 2.92 26.12 -20.96
N ILE B 104 2.85 26.64 -19.70
CA ILE B 104 1.62 26.87 -18.96
C ILE B 104 1.27 28.36 -19.07
N SER B 105 0.02 28.67 -19.51
CA SER B 105 -0.47 30.04 -19.68
C SER B 105 -2.00 30.14 -19.51
N GLU B 106 -2.51 31.40 -19.49
CA GLU B 106 -3.92 31.82 -19.39
C GLU B 106 -4.68 31.06 -18.28
N VAL B 107 -4.08 31.04 -17.06
CA VAL B 107 -4.61 30.37 -15.88
C VAL B 107 -5.72 31.23 -15.26
N GLU B 108 -6.92 30.63 -15.09
CA GLU B 108 -8.07 31.27 -14.44
C GLU B 108 -8.61 30.39 -13.32
N ALA B 109 -9.09 31.02 -12.24
CA ALA B 109 -9.62 30.29 -11.09
C ALA B 109 -10.86 30.99 -10.56
N GLU B 110 -12.01 30.28 -10.61
CA GLU B 110 -13.31 30.78 -10.18
C GLU B 110 -14.00 29.81 -9.20
N THR B 111 -14.89 30.36 -8.34
CA THR B 111 -15.66 29.60 -7.34
C THR B 111 -17.15 29.86 -7.56
N VAL B 112 -18.01 28.86 -7.22
CA VAL B 112 -19.47 28.92 -7.33
C VAL B 112 -20.08 28.16 -6.14
N GLY B 113 -20.80 28.86 -5.29
CA GLY B 113 -21.45 28.27 -4.13
C GLY B 113 -22.89 27.88 -4.44
N THR B 114 -23.29 26.64 -4.12
CA THR B 114 -24.65 26.15 -4.39
C THR B 114 -25.35 25.63 -3.10
N GLY B 115 -24.72 25.84 -1.94
CA GLY B 115 -25.21 25.40 -0.63
C GLY B 115 -26.42 26.11 -0.06
N ILE B 116 -26.36 26.53 1.21
CA ILE B 116 -27.47 27.19 1.92
C ILE B 116 -27.96 28.37 1.10
N MET B 117 -29.23 28.31 0.71
CA MET B 117 -29.95 29.30 -0.11
C MET B 117 -29.40 29.38 -1.54
N GLY B 118 -28.76 28.28 -1.97
CA GLY B 118 -28.15 28.13 -3.30
C GLY B 118 -27.07 29.13 -3.63
N ARG B 119 -26.38 29.69 -2.59
CA ARG B 119 -25.34 30.71 -2.75
CA ARG B 119 -25.32 30.68 -2.79
C ARG B 119 -24.15 30.51 -1.81
N MET B 120 -24.36 29.81 -0.67
CA MET B 120 -23.30 29.61 0.34
C MET B 120 -22.37 28.43 -0.02
N GLY B 121 -21.08 28.59 0.31
CA GLY B 121 -19.97 27.68 -0.01
C GLY B 121 -19.83 26.35 0.71
N ASN B 122 -20.84 25.95 1.53
CA ASN B 122 -20.87 24.67 2.25
C ASN B 122 -20.95 23.50 1.26
N LYS B 123 -21.60 23.76 0.11
CA LYS B 123 -21.80 22.89 -1.05
C LYS B 123 -21.71 23.76 -2.28
N GLY B 124 -20.96 23.30 -3.29
CA GLY B 124 -20.75 24.04 -4.53
C GLY B 124 -19.63 23.48 -5.36
N GLY B 125 -18.81 24.37 -5.94
CA GLY B 125 -17.70 23.95 -6.78
C GLY B 125 -16.69 25.01 -7.13
N VAL B 126 -15.40 24.60 -7.19
CA VAL B 126 -14.23 25.43 -7.57
C VAL B 126 -13.62 24.86 -8.87
N ALA B 127 -13.01 25.71 -9.73
CA ALA B 127 -12.42 25.25 -10.98
C ALA B 127 -11.19 26.05 -11.42
N ILE B 128 -10.19 25.34 -12.00
CA ILE B 128 -8.95 25.91 -12.55
C ILE B 128 -8.83 25.53 -14.01
N ARG B 129 -8.93 26.55 -14.88
CA ARG B 129 -8.73 26.38 -16.30
C ARG B 129 -7.38 26.99 -16.65
N PHE B 130 -6.71 26.42 -17.67
CA PHE B 130 -5.41 26.88 -18.14
C PHE B 130 -5.16 26.38 -19.57
N GLN B 131 -4.03 26.80 -20.14
CA GLN B 131 -3.58 26.37 -21.46
C GLN B 131 -2.18 25.77 -21.34
N PHE B 132 -2.08 24.44 -21.53
CA PHE B 132 -0.82 23.74 -21.57
C PHE B 132 -0.49 23.60 -23.05
N HIS B 133 0.62 24.25 -23.50
CA HIS B 133 1.08 24.35 -24.89
C HIS B 133 -0.01 25.02 -25.73
N ASN B 134 -0.71 24.27 -26.62
CA ASN B 134 -1.78 24.79 -27.47
C ASN B 134 -3.15 24.10 -27.17
N THR B 135 -3.36 23.62 -25.93
CA THR B 135 -4.60 22.94 -25.57
C THR B 135 -5.21 23.56 -24.29
N SER B 136 -6.52 23.84 -24.32
CA SER B 136 -7.27 24.41 -23.21
C SER B 136 -7.74 23.30 -22.28
N ILE B 137 -7.38 23.38 -20.98
CA ILE B 137 -7.72 22.37 -19.97
C ILE B 137 -8.47 23.02 -18.80
N CYS B 138 -9.60 22.43 -18.37
CA CYS B 138 -10.43 22.87 -17.25
C CYS B 138 -10.63 21.73 -16.27
N VAL B 139 -10.32 21.97 -14.98
CA VAL B 139 -10.42 20.98 -13.90
C VAL B 139 -11.44 21.48 -12.88
N VAL B 140 -12.49 20.68 -12.61
CA VAL B 140 -13.56 21.10 -11.68
C VAL B 140 -13.62 20.16 -10.48
N ASN B 141 -13.61 20.75 -9.28
CA ASN B 141 -13.78 20.05 -8.01
C ASN B 141 -15.09 20.54 -7.41
N SER B 142 -16.11 19.66 -7.40
CA SER B 142 -17.44 20.00 -6.90
C SER B 142 -17.84 19.15 -5.69
N HIS B 143 -18.64 19.72 -4.78
CA HIS B 143 -19.17 19.07 -3.57
C HIS B 143 -20.69 19.28 -3.57
N LEU B 144 -21.43 18.40 -4.28
CA LEU B 144 -22.89 18.48 -4.45
C LEU B 144 -23.66 18.05 -3.18
N ALA B 145 -24.95 18.46 -3.09
CA ALA B 145 -25.91 18.24 -1.99
C ALA B 145 -25.82 16.85 -1.37
N ALA B 146 -26.00 16.75 -0.05
CA ALA B 146 -25.94 15.50 0.70
C ALA B 146 -27.30 14.80 0.76
N HIS B 147 -27.30 13.51 1.20
CA HIS B 147 -28.43 12.61 1.48
C HIS B 147 -29.09 12.03 0.22
N ILE B 148 -29.58 10.79 0.37
CA ILE B 148 -30.17 9.89 -0.61
C ILE B 148 -31.31 10.53 -1.45
N GLU B 149 -32.39 11.03 -0.82
CA GLU B 149 -33.55 11.60 -1.55
C GLU B 149 -33.27 12.97 -2.21
N GLU B 150 -32.09 13.58 -1.98
CA GLU B 150 -31.74 14.89 -2.54
C GLU B 150 -31.03 14.79 -3.90
N TYR B 151 -31.47 13.87 -4.79
CA TYR B 151 -30.87 13.66 -6.11
C TYR B 151 -31.22 14.80 -7.08
N GLU B 152 -32.43 15.38 -6.98
CA GLU B 152 -32.89 16.47 -7.84
C GLU B 152 -32.11 17.75 -7.51
N ARG B 153 -31.75 17.95 -6.23
CA ARG B 153 -30.97 19.10 -5.77
C ARG B 153 -29.55 19.01 -6.35
N ARG B 154 -28.94 17.79 -6.31
CA ARG B 154 -27.60 17.47 -6.85
C ARG B 154 -27.52 17.76 -8.35
N ASN B 155 -28.60 17.44 -9.11
CA ASN B 155 -28.68 17.73 -10.54
C ASN B 155 -28.67 19.23 -10.77
N GLN B 156 -29.41 19.98 -9.91
CA GLN B 156 -29.52 21.43 -9.98
C GLN B 156 -28.18 22.06 -9.59
N ASP B 157 -27.49 21.47 -8.58
CA ASP B 157 -26.17 21.91 -8.12
C ASP B 157 -25.14 21.82 -9.25
N TYR B 158 -25.28 20.80 -10.13
CA TYR B 158 -24.43 20.60 -11.29
C TYR B 158 -24.73 21.69 -12.33
N LYS B 159 -26.03 21.89 -12.65
CA LYS B 159 -26.52 22.90 -13.60
C LYS B 159 -26.14 24.33 -13.16
N ASP B 160 -26.10 24.58 -11.84
CA ASP B 160 -25.72 25.85 -11.22
C ASP B 160 -24.23 26.13 -11.46
N ILE B 161 -23.34 25.18 -11.08
CA ILE B 161 -21.88 25.28 -11.27
C ILE B 161 -21.59 25.52 -12.75
N CYS B 162 -22.29 24.79 -13.65
CA CYS B 162 -22.15 24.92 -15.10
C CYS B 162 -22.57 26.29 -15.62
N SER B 163 -23.75 26.81 -15.22
CA SER B 163 -24.21 28.11 -15.71
C SER B 163 -23.50 29.32 -15.07
N ARG B 164 -23.15 29.25 -13.77
CA ARG B 164 -22.52 30.39 -13.09
C ARG B 164 -20.99 30.47 -13.31
N MET B 165 -20.29 29.31 -13.47
CA MET B 165 -18.84 29.24 -13.64
C MET B 165 -18.42 29.82 -15.00
N GLN B 166 -17.88 31.05 -14.95
CA GLN B 166 -17.41 31.80 -16.10
C GLN B 166 -15.98 32.30 -15.87
N PHE B 167 -15.07 32.05 -16.85
CA PHE B 167 -13.66 32.46 -16.79
C PHE B 167 -13.38 33.56 -17.79
N CYS B 168 -12.65 34.62 -17.38
CA CYS B 168 -12.31 35.72 -18.28
C CYS B 168 -11.23 35.31 -19.26
N GLN B 169 -11.42 35.73 -20.51
CA GLN B 169 -10.55 35.43 -21.65
C GLN B 169 -9.87 36.73 -22.17
N PRO B 170 -8.87 36.67 -23.11
CA PRO B 170 -8.24 37.92 -23.57
C PRO B 170 -9.20 38.85 -24.33
N ASP B 171 -10.04 38.30 -25.23
CA ASP B 171 -10.99 39.09 -26.03
C ASP B 171 -12.22 39.41 -25.19
N PRO B 172 -12.44 40.68 -24.78
CA PRO B 172 -13.61 40.97 -23.95
C PRO B 172 -14.93 40.95 -24.72
N SER B 173 -14.91 41.12 -26.05
CA SER B 173 -16.11 41.13 -26.89
C SER B 173 -16.76 39.73 -27.00
N LEU B 174 -15.94 38.68 -26.85
CA LEU B 174 -16.37 37.28 -26.95
C LEU B 174 -17.24 36.87 -25.76
N PRO B 175 -18.19 35.89 -25.91
CA PRO B 175 -19.01 35.47 -24.75
C PRO B 175 -18.15 34.83 -23.67
N PRO B 176 -18.47 35.00 -22.36
CA PRO B 176 -17.60 34.44 -21.31
C PRO B 176 -17.30 32.96 -21.46
N LEU B 177 -16.08 32.54 -21.06
CA LEU B 177 -15.67 31.14 -21.13
C LEU B 177 -16.40 30.32 -20.08
N THR B 178 -17.04 29.24 -20.52
CA THR B 178 -17.75 28.28 -19.68
C THR B 178 -16.94 26.98 -19.63
N ILE B 179 -17.23 26.12 -18.65
CA ILE B 179 -16.54 24.83 -18.47
C ILE B 179 -16.51 24.05 -19.80
N SER B 180 -17.63 24.03 -20.54
CA SER B 180 -17.82 23.35 -21.82
C SER B 180 -16.88 23.83 -22.94
N ASN B 181 -16.45 25.11 -22.90
CA ASN B 181 -15.55 25.75 -23.88
C ASN B 181 -14.07 25.33 -23.65
N HIS B 182 -13.82 24.04 -23.40
CA HIS B 182 -12.46 23.54 -23.17
C HIS B 182 -12.18 22.26 -23.94
N ASP B 183 -10.91 22.12 -24.39
CA ASP B 183 -10.45 20.95 -25.13
C ASP B 183 -10.41 19.74 -24.23
N VAL B 184 -10.06 19.93 -22.94
CA VAL B 184 -10.01 18.87 -21.93
C VAL B 184 -10.74 19.36 -20.67
N ILE B 185 -11.75 18.55 -20.21
CA ILE B 185 -12.53 18.82 -18.99
C ILE B 185 -12.42 17.60 -18.09
N LEU B 186 -11.88 17.81 -16.89
CA LEU B 186 -11.76 16.77 -15.85
C LEU B 186 -12.61 17.22 -14.69
N TRP B 187 -13.64 16.44 -14.33
CA TRP B 187 -14.57 16.77 -13.24
C TRP B 187 -14.43 15.73 -12.12
N LEU B 188 -14.02 16.19 -10.92
CA LEU B 188 -13.84 15.34 -9.73
C LEU B 188 -14.56 15.96 -8.52
N GLY B 189 -14.48 15.29 -7.37
CA GLY B 189 -15.10 15.77 -6.14
C GLY B 189 -16.13 14.84 -5.51
N ASP B 190 -16.69 15.28 -4.38
CA ASP B 190 -17.73 14.56 -3.63
C ASP B 190 -19.07 14.89 -4.29
N LEU B 191 -19.50 14.05 -5.25
CA LEU B 191 -20.75 14.28 -5.96
C LEU B 191 -21.97 13.87 -5.10
N ASN B 192 -21.73 13.08 -4.02
CA ASN B 192 -22.69 12.64 -3.01
C ASN B 192 -23.88 11.78 -3.52
N TYR B 193 -23.88 11.35 -4.80
CA TYR B 193 -24.95 10.49 -5.33
C TYR B 193 -24.88 9.12 -4.65
N ARG B 194 -25.97 8.70 -3.99
CA ARG B 194 -26.05 7.47 -3.21
C ARG B 194 -26.60 6.28 -4.02
N ILE B 195 -27.00 5.18 -3.33
CA ILE B 195 -27.55 3.95 -3.94
C ILE B 195 -29.05 3.89 -3.60
N GLU B 196 -29.90 3.87 -4.63
CA GLU B 196 -31.35 3.85 -4.40
C GLU B 196 -31.92 2.43 -4.40
N GLU B 197 -33.19 2.32 -3.92
CA GLU B 197 -34.02 1.12 -3.80
C GLU B 197 -33.51 0.18 -2.68
N LEU B 198 -32.33 -0.44 -2.88
CA LEU B 198 -31.71 -1.42 -1.98
C LEU B 198 -31.65 -1.00 -0.51
N ASP B 199 -31.83 -1.98 0.40
CA ASP B 199 -31.77 -1.84 1.85
C ASP B 199 -30.32 -1.85 2.31
N VAL B 200 -29.97 -1.12 3.40
CA VAL B 200 -28.62 -0.97 3.97
C VAL B 200 -27.90 -2.33 4.09
N GLU B 201 -28.63 -3.40 4.43
CA GLU B 201 -28.09 -4.76 4.56
C GLU B 201 -27.76 -5.35 3.18
N LYS B 202 -28.64 -5.13 2.16
CA LYS B 202 -28.46 -5.62 0.78
C LYS B 202 -27.25 -4.95 0.11
N VAL B 203 -27.00 -3.66 0.42
CA VAL B 203 -25.88 -2.87 -0.09
C VAL B 203 -24.57 -3.42 0.51
N LYS B 204 -24.54 -3.65 1.84
CA LYS B 204 -23.40 -4.18 2.57
C LYS B 204 -23.06 -5.62 2.16
N LYS B 205 -24.10 -6.46 1.91
CA LYS B 205 -23.95 -7.86 1.48
C LYS B 205 -23.32 -7.93 0.07
N LEU B 206 -23.72 -7.02 -0.85
CA LEU B 206 -23.20 -6.95 -2.21
C LEU B 206 -21.71 -6.60 -2.25
N ILE B 207 -21.24 -5.73 -1.31
CA ILE B 207 -19.83 -5.32 -1.19
C ILE B 207 -19.02 -6.52 -0.67
N GLU B 208 -19.58 -7.32 0.26
CA GLU B 208 -18.94 -8.52 0.82
C GLU B 208 -18.80 -9.57 -0.29
N GLU B 209 -19.82 -9.68 -1.17
CA GLU B 209 -19.85 -10.58 -2.32
C GLU B 209 -18.97 -10.04 -3.47
N LYS B 210 -18.52 -8.77 -3.36
CA LYS B 210 -17.70 -8.00 -4.31
C LYS B 210 -18.36 -7.95 -5.70
N ASP B 211 -19.71 -7.81 -5.70
CA ASP B 211 -20.55 -7.74 -6.89
C ASP B 211 -20.89 -6.26 -7.17
N PHE B 212 -19.87 -5.50 -7.61
CA PHE B 212 -19.97 -4.06 -7.89
C PHE B 212 -20.78 -3.76 -9.16
N GLN B 213 -20.98 -4.79 -10.02
CA GLN B 213 -21.76 -4.68 -11.26
C GLN B 213 -23.26 -4.54 -10.92
N MET B 214 -23.74 -5.34 -9.95
CA MET B 214 -25.13 -5.36 -9.48
C MET B 214 -25.42 -4.12 -8.61
N LEU B 215 -24.43 -3.69 -7.80
CA LEU B 215 -24.55 -2.52 -6.92
C LEU B 215 -24.63 -1.23 -7.74
N TYR B 216 -23.87 -1.15 -8.85
CA TYR B 216 -23.81 0.02 -9.76
C TYR B 216 -25.13 0.24 -10.52
N ALA B 217 -25.91 -0.84 -10.77
CA ALA B 217 -27.19 -0.80 -11.48
C ALA B 217 -28.21 0.12 -10.78
N TYR B 218 -28.00 0.38 -9.47
CA TYR B 218 -28.83 1.21 -8.60
C TYR B 218 -28.12 2.53 -8.20
N ASP B 219 -26.96 2.86 -8.83
CA ASP B 219 -26.21 4.08 -8.54
C ASP B 219 -26.93 5.28 -9.13
N GLN B 220 -27.32 6.24 -8.25
CA GLN B 220 -28.08 7.43 -8.61
C GLN B 220 -27.47 8.23 -9.76
N LEU B 221 -26.13 8.40 -9.79
CA LEU B 221 -25.45 9.14 -10.87
C LEU B 221 -25.68 8.44 -12.22
N LYS B 222 -25.42 7.11 -12.31
CA LYS B 222 -25.63 6.27 -13.49
C LYS B 222 -27.07 6.40 -14.03
N ILE B 223 -28.06 6.44 -13.12
CA ILE B 223 -29.47 6.57 -13.46
C ILE B 223 -29.75 7.98 -14.02
N GLN B 224 -29.25 9.04 -13.32
CA GLN B 224 -29.44 10.43 -13.71
C GLN B 224 -28.69 10.79 -15.01
N VAL B 225 -27.46 10.26 -15.19
CA VAL B 225 -26.65 10.50 -16.39
C VAL B 225 -27.37 9.85 -17.61
N ALA B 226 -28.00 8.67 -17.40
CA ALA B 226 -28.77 7.96 -18.44
C ALA B 226 -30.01 8.77 -18.83
N ALA B 227 -30.67 9.41 -17.84
CA ALA B 227 -31.84 10.27 -18.02
C ALA B 227 -31.47 11.60 -18.72
N LYS B 228 -30.15 11.85 -18.92
CA LYS B 228 -29.53 13.03 -19.55
C LYS B 228 -29.85 14.31 -18.74
N THR B 229 -29.85 14.18 -17.40
CA THR B 229 -30.12 15.27 -16.44
C THR B 229 -28.80 15.87 -15.89
N VAL B 230 -27.71 15.07 -15.86
CA VAL B 230 -26.37 15.47 -15.40
C VAL B 230 -25.27 14.86 -16.28
N PHE B 231 -24.09 15.51 -16.28
CA PHE B 231 -22.85 15.12 -16.96
C PHE B 231 -23.11 14.58 -18.38
N GLU B 232 -23.89 15.33 -19.16
CA GLU B 232 -24.21 14.99 -20.54
C GLU B 232 -22.94 15.10 -21.37
N GLY B 233 -22.58 14.01 -22.04
CA GLY B 233 -21.37 13.96 -22.86
C GLY B 233 -20.12 13.55 -22.09
N PHE B 234 -20.23 13.39 -20.77
CA PHE B 234 -19.13 12.98 -19.90
C PHE B 234 -19.04 11.45 -19.80
N THR B 235 -17.83 10.94 -19.60
CA THR B 235 -17.55 9.50 -19.47
C THR B 235 -16.97 9.21 -18.07
N GLU B 236 -17.25 8.02 -17.53
CA GLU B 236 -16.76 7.57 -16.24
C GLU B 236 -16.25 6.13 -16.35
N GLY B 237 -15.11 5.85 -15.73
CA GLY B 237 -14.51 4.51 -15.72
C GLY B 237 -15.28 3.53 -14.86
N GLU B 238 -15.09 2.22 -15.13
CA GLU B 238 -15.75 1.15 -14.38
C GLU B 238 -15.30 1.15 -12.92
N LEU B 239 -16.28 1.17 -11.99
CA LEU B 239 -16.03 1.16 -10.54
C LEU B 239 -15.65 -0.26 -10.10
N THR B 240 -14.34 -0.49 -9.96
CA THR B 240 -13.76 -1.78 -9.56
C THR B 240 -13.50 -1.81 -8.04
N PHE B 241 -13.62 -0.65 -7.38
CA PHE B 241 -13.40 -0.48 -5.94
C PHE B 241 -14.72 -0.34 -5.17
N GLN B 242 -14.71 -0.69 -3.88
CA GLN B 242 -15.91 -0.61 -3.03
C GLN B 242 -16.25 0.85 -2.66
N PRO B 243 -17.54 1.18 -2.38
CA PRO B 243 -17.90 2.56 -1.99
C PRO B 243 -16.98 3.17 -0.92
N THR B 244 -16.65 4.46 -1.07
CA THR B 244 -15.74 5.23 -0.19
C THR B 244 -16.48 5.93 1.00
N TYR B 245 -17.80 5.71 1.12
CA TYR B 245 -18.66 6.28 2.17
C TYR B 245 -19.42 5.12 2.81
N LYS B 246 -19.62 5.06 4.15
CA LYS B 246 -19.14 5.93 5.23
C LYS B 246 -18.40 5.07 6.24
N TYR B 247 -17.18 5.48 6.62
CA TYR B 247 -16.36 4.70 7.54
C TYR B 247 -16.20 5.39 8.90
N ASP B 248 -15.69 4.65 9.89
CA ASP B 248 -15.38 5.22 11.19
C ASP B 248 -13.95 5.73 11.11
N THR B 249 -13.72 6.99 11.47
CA THR B 249 -12.41 7.65 11.45
C THR B 249 -11.40 6.74 12.19
N GLY B 250 -10.35 6.35 11.48
CA GLY B 250 -9.34 5.46 12.04
C GLY B 250 -9.55 3.99 11.73
N SER B 251 -10.59 3.64 10.92
CA SER B 251 -10.86 2.24 10.54
C SER B 251 -11.49 2.13 9.14
N ASP B 252 -11.63 0.87 8.66
CA ASP B 252 -12.24 0.46 7.40
C ASP B 252 -13.62 -0.21 7.65
N ASP B 253 -14.10 -0.13 8.91
CA ASP B 253 -15.41 -0.63 9.33
C ASP B 253 -16.47 0.40 8.96
N TRP B 254 -17.62 -0.04 8.40
CA TRP B 254 -18.71 0.84 8.00
C TRP B 254 -19.28 1.58 9.22
N ASP B 255 -19.86 2.78 9.01
CA ASP B 255 -20.41 3.65 10.05
C ASP B 255 -21.17 2.86 11.13
N THR B 256 -20.60 2.85 12.33
CA THR B 256 -21.17 2.17 13.50
C THR B 256 -21.67 3.25 14.46
N SER B 257 -22.69 4.00 14.01
CA SER B 257 -23.31 5.09 14.77
C SER B 257 -24.84 4.88 14.82
N GLU B 258 -25.55 5.82 15.48
CA GLU B 258 -27.01 5.79 15.59
C GLU B 258 -27.64 5.96 14.20
N LYS B 259 -26.94 6.72 13.31
CA LYS B 259 -27.32 6.98 11.92
C LYS B 259 -27.21 5.72 11.07
N CYS B 260 -26.12 4.94 11.25
CA CYS B 260 -25.79 3.69 10.53
C CYS B 260 -25.99 3.90 9.02
N ARG B 261 -25.26 4.88 8.46
CA ARG B 261 -25.32 5.34 7.08
C ARG B 261 -24.89 4.26 6.09
N ALA B 262 -25.78 3.93 5.14
CA ALA B 262 -25.58 2.93 4.09
C ALA B 262 -24.48 3.33 3.10
N PRO B 263 -23.58 2.39 2.71
CA PRO B 263 -22.52 2.71 1.74
C PRO B 263 -23.00 3.32 0.43
N ALA B 264 -22.14 4.14 -0.20
CA ALA B 264 -22.40 4.83 -1.48
C ALA B 264 -21.12 5.31 -2.16
N TRP B 265 -21.13 5.36 -3.51
CA TRP B 265 -20.00 5.88 -4.29
C TRP B 265 -20.15 7.41 -4.36
N CYS B 266 -19.72 8.11 -3.31
CA CYS B 266 -19.87 9.56 -3.22
C CYS B 266 -18.80 10.28 -4.04
N ASP B 267 -17.54 9.81 -3.99
CA ASP B 267 -16.42 10.46 -4.67
C ASP B 267 -16.16 9.83 -6.06
N ARG B 268 -16.35 10.63 -7.13
CA ARG B 268 -16.22 10.18 -8.52
C ARG B 268 -15.32 11.08 -9.35
N ILE B 269 -14.78 10.53 -10.47
CA ILE B 269 -13.95 11.22 -11.46
C ILE B 269 -14.57 10.94 -12.84
N LEU B 270 -14.92 12.01 -13.58
CA LEU B 270 -15.56 11.98 -14.90
C LEU B 270 -14.88 12.96 -15.85
N TRP B 271 -14.71 12.57 -17.13
CA TRP B 271 -14.02 13.40 -18.10
C TRP B 271 -14.83 13.65 -19.36
N LYS B 272 -14.48 14.73 -20.08
CA LYS B 272 -15.06 15.11 -21.35
C LYS B 272 -13.97 15.80 -22.16
N GLY B 273 -13.85 15.36 -23.42
CA GLY B 273 -12.87 15.88 -24.36
C GLY B 273 -12.25 14.83 -25.26
N LYS B 274 -11.53 15.29 -26.30
CA LYS B 274 -10.84 14.44 -27.27
C LYS B 274 -9.43 14.11 -26.78
N ASN B 275 -8.93 12.92 -27.14
CA ASN B 275 -7.59 12.39 -26.84
C ASN B 275 -7.37 12.08 -25.34
N ILE B 276 -8.41 11.62 -24.63
CA ILE B 276 -8.31 11.24 -23.22
C ILE B 276 -8.39 9.72 -23.12
N THR B 277 -7.41 9.08 -22.49
CA THR B 277 -7.37 7.65 -22.25
C THR B 277 -7.09 7.41 -20.76
N GLN B 278 -8.08 6.85 -20.02
CA GLN B 278 -7.97 6.56 -18.59
C GLN B 278 -7.19 5.26 -18.38
N LEU B 279 -6.07 5.34 -17.64
CA LEU B 279 -5.20 4.20 -17.37
C LEU B 279 -5.57 3.50 -16.07
N SER B 280 -6.18 4.22 -15.11
CA SER B 280 -6.56 3.64 -13.82
C SER B 280 -7.71 4.40 -13.15
N TYR B 281 -8.43 3.71 -12.26
CA TYR B 281 -9.52 4.22 -11.43
C TYR B 281 -9.57 3.38 -10.14
N GLN B 282 -8.84 3.88 -9.12
CA GLN B 282 -8.65 3.27 -7.80
C GLN B 282 -9.24 4.10 -6.63
N SER B 283 -9.37 3.44 -5.46
CA SER B 283 -9.72 3.96 -4.14
C SER B 283 -8.55 3.62 -3.20
N HIS B 284 -8.36 4.39 -2.12
CA HIS B 284 -7.21 4.16 -1.24
C HIS B 284 -7.66 3.89 0.21
N MET B 285 -7.92 2.59 0.49
CA MET B 285 -8.38 2.04 1.77
C MET B 285 -7.37 2.23 2.91
N ALA B 286 -6.08 2.44 2.58
CA ALA B 286 -4.98 2.61 3.54
C ALA B 286 -5.12 3.90 4.38
N LEU B 287 -5.77 4.93 3.84
CA LEU B 287 -5.92 6.22 4.55
C LEU B 287 -7.26 6.31 5.33
N LYS B 288 -7.14 6.26 6.67
CA LYS B 288 -8.24 6.21 7.63
C LYS B 288 -8.46 7.54 8.42
N THR B 289 -7.82 8.66 8.01
CA THR B 289 -7.92 9.99 8.67
C THR B 289 -9.37 10.53 8.63
N SER B 290 -10.18 10.14 7.62
CA SER B 290 -11.55 10.61 7.45
C SER B 290 -12.56 9.44 7.37
N ASP B 291 -13.88 9.79 7.28
CA ASP B 291 -14.98 8.84 7.13
C ASP B 291 -15.16 8.49 5.65
N HIS B 292 -14.39 9.17 4.78
CA HIS B 292 -14.32 8.98 3.33
C HIS B 292 -12.96 8.40 2.93
N LYS B 293 -12.87 7.78 1.75
CA LYS B 293 -11.60 7.25 1.23
C LYS B 293 -11.15 8.06 0.03
N PRO B 294 -9.83 8.33 -0.14
CA PRO B 294 -9.40 9.11 -1.31
C PRO B 294 -9.47 8.32 -2.61
N VAL B 295 -9.94 8.98 -3.67
CA VAL B 295 -10.06 8.39 -5.00
C VAL B 295 -9.00 9.06 -5.88
N SER B 296 -8.40 8.28 -6.80
CA SER B 296 -7.38 8.75 -7.73
C SER B 296 -7.53 8.06 -9.07
N SER B 297 -7.11 8.76 -10.13
CA SER B 297 -7.15 8.30 -11.52
C SER B 297 -5.97 8.87 -12.27
N VAL B 298 -5.42 8.08 -13.21
CA VAL B 298 -4.31 8.50 -14.06
C VAL B 298 -4.79 8.44 -15.52
N PHE B 299 -4.52 9.52 -16.28
CA PHE B 299 -4.91 9.64 -17.67
C PHE B 299 -3.73 9.85 -18.59
N ASP B 300 -3.94 9.48 -19.87
CA ASP B 300 -3.00 9.69 -20.95
C ASP B 300 -3.71 10.65 -21.88
N ILE B 301 -3.45 11.95 -21.69
CA ILE B 301 -4.13 13.01 -22.43
C ILE B 301 -3.20 13.56 -23.54
N GLY B 302 -3.81 13.84 -24.71
CA GLY B 302 -3.13 14.37 -25.88
C GLY B 302 -3.13 15.88 -25.86
N VAL B 303 -1.96 16.50 -26.06
CA VAL B 303 -1.77 17.96 -26.04
C VAL B 303 -1.10 18.42 -27.35
N ARG B 304 -1.59 19.53 -27.95
CA ARG B 304 -1.01 20.09 -29.18
C ARG B 304 0.29 20.84 -28.87
N VAL B 305 1.42 20.28 -29.33
CA VAL B 305 2.77 20.82 -29.14
C VAL B 305 3.26 21.39 -30.48
N VAL B 306 3.86 22.60 -30.45
CA VAL B 306 4.38 23.28 -31.64
C VAL B 306 5.79 22.75 -31.95
N ALA B 307 6.03 22.37 -33.21
CA ALA B 307 7.31 21.83 -33.68
C ALA B 307 8.10 22.87 -34.48
N HIS B 308 9.08 23.54 -33.83
CA HIS B 308 9.92 24.58 -34.42
C HIS B 308 11.17 24.00 -35.09
N HIS B 309 11.98 24.86 -35.76
CA HIS B 309 13.25 24.44 -36.34
C HIS B 309 14.26 25.57 -36.32
S SO4 C . 8.54 -16.24 32.39
O1 SO4 C . 8.86 -16.03 30.96
O2 SO4 C . 9.13 -17.51 32.83
O3 SO4 C . 7.08 -16.28 32.58
O4 SO4 C . 9.12 -15.15 33.18
OAE K2Y D . 19.89 -2.52 46.54
PAW K2Y D . 19.32 -4.01 46.33
OAF K2Y D . 18.68 -4.00 44.85
OAA K2Y D . 18.32 -4.38 47.36
OAO K2Y D . 20.61 -5.01 46.30
CAS K2Y D . 21.42 -5.08 45.21
CAM K2Y D . 21.80 -3.94 44.46
CAT K2Y D . 22.66 -4.06 43.34
OAP K2Y D . 23.07 -2.95 42.62
PAX K2Y D . 21.98 -1.87 42.02
OAG K2Y D . 22.62 -1.28 40.68
OAH K2Y D . 20.62 -2.66 41.64
OAB K2Y D . 21.71 -0.80 43.00
CAV K2Y D . 23.21 -5.33 43.04
OAR K2Y D . 24.10 -5.47 42.04
PAZ K2Y D . 25.65 -5.41 42.53
OAK K2Y D . 25.72 -4.90 44.06
OAL K2Y D . 26.15 -6.96 42.51
OAD K2Y D . 26.46 -4.55 41.64
CAN K2Y D . 22.88 -6.46 43.81
CAU K2Y D . 22.01 -6.34 44.92
OAQ K2Y D . 21.66 -7.44 45.67
PAY K2Y D . 22.86 -8.32 46.35
OAI K2Y D . 24.16 -7.39 46.63
OAJ K2Y D . 22.22 -8.76 47.76
OAC K2Y D . 23.24 -9.51 45.57
C1 GOL E . -21.69 6.24 -16.73
O1 GOL E . -22.28 7.53 -16.89
C2 GOL E . -21.16 5.62 -18.04
O2 GOL E . -20.15 6.42 -18.71
C3 GOL E . -20.66 4.21 -17.70
O3 GOL E . -19.38 4.21 -17.03
S SO4 F . 15.70 21.81 -38.70
O1 SO4 F . 14.56 21.57 -39.59
O2 SO4 F . 16.80 20.95 -39.15
O3 SO4 F . 16.13 23.21 -38.75
O4 SO4 F . 15.35 21.45 -37.34
S SO4 G . -31.31 25.40 0.95
O1 SO4 G . -32.60 24.88 1.43
O2 SO4 G . -30.36 24.29 0.84
O3 SO4 G . -30.77 26.38 1.88
O4 SO4 G . -31.52 25.98 -0.38
OAE K2Y H . 7.53 34.66 -36.89
PAW K2Y H . 7.09 34.06 -35.45
OAF K2Y H . 8.39 34.20 -34.52
OAA K2Y H . 5.94 34.79 -34.90
OAO K2Y H . 6.84 32.47 -35.59
CAS K2Y H . 7.10 31.91 -36.80
CAM K2Y H . 6.09 31.88 -37.79
CAT K2Y H . 6.36 31.28 -39.04
OAP K2Y H . 5.35 31.30 -39.96
PAX K2Y H . 4.81 32.74 -40.52
OAG K2Y H . 3.57 33.24 -39.63
OAH K2Y H . 4.27 32.45 -41.99
OAB K2Y H . 5.87 33.77 -40.50
CAV K2Y H . 7.61 30.66 -39.29
OAR K2Y H . 7.87 30.11 -40.53
PAZ K2Y H . 8.76 28.77 -40.74
OAK K2Y H . 10.31 29.20 -40.81
OAL K2Y H . 8.34 28.05 -41.97
OAD K2Y H . 8.56 27.87 -39.42
CAN K2Y H . 8.62 30.71 -38.31
CAU K2Y H . 8.35 31.28 -37.05
OAQ K2Y H . 9.32 31.37 -36.06
PAY K2Y H . 9.76 29.98 -35.32
OAI K2Y H . 10.18 30.50 -33.86
OAJ K2Y H . 8.68 28.98 -35.27
OAC K2Y H . 11.10 29.42 -36.01
S SO4 I . -7.73 17.46 -32.24
O1 SO4 I . -7.78 16.08 -32.74
O2 SO4 I . -6.35 17.94 -32.30
O3 SO4 I . -8.59 18.33 -33.07
O4 SO4 I . -8.20 17.50 -30.84
#